data_2OM7
#
_entry.id   2OM7
#
_cell.length_a   1.000
_cell.length_b   1.000
_cell.length_c   1.000
_cell.angle_alpha   90.00
_cell.angle_beta   90.00
_cell.angle_gamma   90.00
#
_symmetry.space_group_name_H-M   'P 1'
#
loop_
_entity.id
_entity.type
_entity.pdbx_description
1 polymer 'Fragment of 16S rRNA (h14)'
2 polymer 'Fragment of 16S rRNA (h15)'
3 polymer 'Fragment of 16S rRNA (h44)'
4 polymer '16S ribosomal RNA (H5)'
5 polymer 'Fragment of23S rRNA (H95)'
6 polymer 'Fragment of23S rRNA (H68)'
7 polymer 'Fragment of23S rRNA (H89)'
8 polymer 'Fragment of23S rRNA (H42-44)'
9 polymer 'Fragment of23S rRNA (H76)'
10 polymer p/E-tRNA
11 polymer '30S ribosomal protein S12'
12 polymer '50S ribosomal protein L1'
13 polymer 'Elongation factor G'
14 polymer '30S ribosomal protein S2'
#
loop_
_entity_poly.entity_id
_entity_poly.type
_entity_poly.pdbx_seq_one_letter_code
_entity_poly.pdbx_strand_id
1 'polyribonucleotide' CUCCUACGGGAG A
2 'polyribonucleotide' UUCCGCAAUGGGCGCAAGCCUGACGGAG B
3 'polyribonucleotide'
;GCCCGUCACGCCAUGGGAGCGGGCUCUACCCGAAGUCGCCGGGAGCCUACGGGCAGGCGCCGAGGGUAGGGCCCGUGACU
GGGGCGAAGUCGUAAC
;
C
4 'polyribonucleotide'
;GACAUGCAAGUCGUGCGGGCCGCGGGGUUUUACUCCGUGGUCAGCGGCGGACGGGUGAGUAACGCGUGGGUGACCUACCC
GGAAGAGGGGGACAACCCGGGGAAACUCGGGCUAAUCCCCCAUGUGGACCCGCCCCUUGGGGUGUGUCCAAAGGGCUUUG
CCCGCUUCCGGAUGGGCCCGCGUCCCAUCAGCUAGUUGGUGGGGUAAUGGCCCACCAAGGCGACGACGGGUAGCCGGUCU
GAGAGGAUGGCCGGCCACAGGGGCACUGAGACACGGGCCCCACUCCUACGGGAGGCAGCAGUU
;
D
5 'polyribonucleotide' CUCUUCCUAGUACGAGAGGACCGGAAGGG F
6 'polyribonucleotide' GUGCCGGAAGGUCAAGGGGAGGGGUGCAAGCCCCGAACCGAAGCCCCGGUGAAC G
7 'polyribonucleotide' GCUGAUCUCCCCCGAGCGUCCACAGCGGCGGGGAGGUUUGGC H
8 'polyribonucleotide' GCCAGGAGGUUGGCUUAGAAGCAGCCAUCCUUUAAAGAGUGCGUAAUAGCUCACUGGU I
9 'polyribonucleotide'
;GCUCUUGGUCGCGCCUGCGUAGGAUAGGUGGGAGCCUGUGAACCCCCGCCUCCGGGUGGGGGGGAGGCGCCGGUGAAAUA
CCACCCUGGCGCGGCUGGGGGC
;
J
10 'polyribonucleotide'
;UCCGUGA(4SU)AACAAAGCGG(H2U)(H2U)AUGUACCGGAUUUUUAUUCCGGCUAU(5MC)GGGG(5MU)(PSU)CAA
UUCCCCGUCGCGGAGCCA
;
M
11 'polypeptide(L)'
;MVALPTINQLVRKGREKVRKKSKVPALKGAPFRRGVCTVVRTVTPKKPNSALRKVAKVRLTSGYEVTAYIPGEGHNLQEH
SVVLIRGGRVKDLPGVRYHIVRGVYDAAGVKDRKKSRSKYGTKKPKEAAKTAAKK
;
E
12 'polypeptide(L)'
;MPKHGKRYRALLEKVDPNKVYTIDEAARLVKELATAKFDETVEVHAKLGIDPRRSDQNVRGTVSLPHGLGKQVRVLAIAK
GEKIKEAEEAGADYVGGEEIIQKILDGWMDFDAVVATPDVMGAVGSKLGRILGPRGLLPNPKAGTVGFNIGEIIREIKAG
RIEFRNDKTGAIHAPVGKASFPPEKLADNIRAFIRALEAHKPEGAKGTFLRSVYVTTTMGPSVRINPHS
;
K
13 'polypeptide(L)'
;MAVKVEYDLKRLRNIGIAAHIDAGKTTTTERILYYTGRIHKIGEVHEGAATMDFMEQERERGITITAAVTTCFWKDHRIN
IIDTPGHVDFTIEVERSMRVLDGAIVVFDSSQGVEPQSETVWRQAEKYKVPRIAFANKMDKTGADLWLVIRTMQERLGAR
PVVMQLPIGREDTFSGIIDVLRMKAYTYGNDLGTDIREIPIPEEYLDQAREYHEKLVEVAADFDENIMLKYLEGEEPTEE
ELVAAIRKGTIDLKITPVFLGSALKNKGVQLLLDAVVDYLPSPLDIPPIKGTTPEGEVVEIHPDPNGPLAALAFKIMADP
YVGRLTFIRVYSGTLTSGSYVYNTTKGRKERVARLLRMHANHREEVEELKAGDLGAVVGLKETITGDTLVGEDAPRVILE
SIEVPEPVIDVAIEPKTKADQEKLSQALARLAEEDPTFRVSTHPETGQTIISGMGELHLEIIVDRLKREFKVDANVGKPQ
VAYRETITKPVDVEGKFIRQTGGRGQYGHVKIKVEPLPRGSGFEFVNAIVGGVIPKEYIPAVQKGIEEAMQSGPLIGFPV
VDIKVTLYDGSYHEVDSSEMAFKIAGSMAIKEAVQKGDPVILEPIMRVEVTTPEEYMGDVIGDLNARRGQILGMEPRGNA
QVIRAFVPLAEMFGYATDLRSKTQGRGSFVMFFDHYQEVPKQVQEKLIKGQ
;
L
14 'polypeptide(L)'
;MPVEITVKELLEAGVHFGHERKRWNPKFARYIYAERNGIHIIDLQKTMEELERTFRFIEDLAMRGGTILFVGTKKQAQDI
VRMEAERAGMPYVNQRWLGGMLTNFKTISQRVHRLEELEALFASPEIEERPKKEQVRLKHELERLQKYLSGFRLLKRLPD
AIFVVDPTKEAIAVREARKLFIPVIALADTDSDPDLVDYIIPGNDDAIRSIQLILSRAVDLIIQARGGVVEPSPSYALVQ
EAEATETPEGESEVEA
;
N
#
# COMPACT_ATOMS: atom_id res chain seq x y z
N PRO K 5 49.01 11.12 -17.02
CA PRO K 5 49.92 11.11 -15.87
C PRO K 5 51.27 10.51 -16.28
N THR K 6 52.34 11.27 -16.12
CA THR K 6 53.64 10.77 -16.51
C THR K 6 54.04 9.58 -15.64
N ILE K 7 55.11 8.93 -16.06
CA ILE K 7 55.60 7.79 -15.33
C ILE K 7 55.99 8.32 -13.98
N ASN K 8 56.93 9.28 -13.99
CA ASN K 8 57.40 9.85 -12.74
C ASN K 8 56.25 10.13 -11.80
N GLN K 9 55.20 10.74 -12.31
CA GLN K 9 54.05 11.02 -11.45
C GLN K 9 53.53 9.69 -10.94
N LEU K 10 53.38 8.72 -11.84
CA LEU K 10 52.89 7.40 -11.47
C LEU K 10 53.73 6.84 -10.36
N VAL K 11 55.03 7.02 -10.49
CA VAL K 11 55.89 6.53 -9.46
C VAL K 11 55.41 7.14 -8.15
N ARG K 12 55.25 8.47 -8.13
CA ARG K 12 54.79 9.17 -6.92
C ARG K 12 53.37 8.75 -6.55
N LYS K 13 52.39 9.42 -7.16
CA LYS K 13 50.99 9.15 -6.87
C LYS K 13 50.62 7.70 -7.07
N GLY K 14 50.54 7.26 -8.31
CA GLY K 14 50.16 5.89 -8.57
C GLY K 14 48.65 5.76 -8.73
N ARG K 15 48.21 4.70 -9.40
CA ARG K 15 46.79 4.51 -9.62
C ARG K 15 46.06 4.08 -8.36
N GLU K 16 44.79 4.42 -8.23
CA GLU K 16 43.99 4.06 -7.07
C GLU K 16 42.98 2.94 -7.34
N LYS K 17 43.02 1.89 -6.52
CA LYS K 17 42.12 0.77 -6.66
C LYS K 17 40.72 1.17 -6.20
N VAL K 18 39.72 0.78 -7.00
CA VAL K 18 38.33 1.11 -6.75
C VAL K 18 37.72 0.79 -5.39
N ARG K 19 37.44 -0.48 -5.13
CA ARG K 19 36.82 -0.93 -3.89
C ARG K 19 35.34 -0.53 -4.01
N LYS K 20 34.44 -1.52 -4.12
CA LYS K 20 33.03 -1.22 -4.27
C LYS K 20 32.21 -1.52 -3.04
N LYS K 21 31.02 -0.94 -2.99
CA LYS K 21 30.11 -1.11 -1.87
C LYS K 21 29.15 -2.27 -2.06
N SER K 22 28.76 -2.88 -0.94
CA SER K 22 27.82 -3.99 -0.93
C SER K 22 26.43 -3.54 -1.32
N LYS K 23 25.96 -3.98 -2.47
CA LYS K 23 24.64 -3.60 -2.94
C LYS K 23 23.59 -4.07 -1.93
N VAL K 24 24.04 -4.72 -0.85
CA VAL K 24 23.13 -5.28 0.15
C VAL K 24 23.83 -5.73 1.43
N PRO K 25 23.73 -4.94 2.51
CA PRO K 25 24.38 -5.32 3.78
C PRO K 25 23.53 -6.27 4.65
N ALA K 26 23.67 -7.56 4.33
CA ALA K 26 23.01 -8.68 5.01
C ALA K 26 24.04 -9.23 5.97
N LEU K 27 24.87 -8.34 6.50
CA LEU K 27 25.91 -8.69 7.46
C LEU K 27 26.97 -9.60 6.90
N LYS K 28 27.80 -10.13 7.79
CA LYS K 28 28.91 -11.03 7.46
C LYS K 28 28.72 -11.77 6.14
N GLY K 29 28.85 -11.05 5.01
CA GLY K 29 28.67 -11.67 3.70
C GLY K 29 27.94 -12.97 3.86
N ALA K 30 26.67 -12.89 4.25
CA ALA K 30 25.87 -14.08 4.51
C ALA K 30 24.81 -14.39 3.47
N PRO K 31 24.78 -15.64 3.01
CA PRO K 31 23.80 -16.06 2.01
C PRO K 31 22.46 -15.48 2.40
N PHE K 32 22.13 -15.54 3.69
CA PHE K 32 20.86 -15.04 4.19
C PHE K 32 20.99 -14.59 5.63
N ARG K 33 19.98 -13.85 6.11
CA ARG K 33 19.94 -13.36 7.48
C ARG K 33 18.49 -13.52 7.97
N ARG K 34 18.33 -13.97 9.22
CA ARG K 34 17.01 -14.20 9.83
C ARG K 34 16.52 -12.92 10.54
N GLY K 35 15.28 -12.93 11.02
CA GLY K 35 14.76 -11.77 11.72
C GLY K 35 13.25 -11.73 11.89
N VAL K 36 12.77 -10.86 12.77
CA VAL K 36 11.33 -10.76 13.00
C VAL K 36 10.68 -9.61 12.24
N CYS K 37 9.47 -9.86 11.75
CA CYS K 37 8.72 -8.85 11.01
C CYS K 37 8.17 -7.84 11.98
N THR K 38 8.76 -6.67 12.06
CA THR K 38 8.27 -5.64 12.95
C THR K 38 6.91 -5.13 12.47
N VAL K 39 6.79 -4.91 11.16
CA VAL K 39 5.52 -4.45 10.57
C VAL K 39 5.28 -5.04 9.18
N VAL K 40 4.03 -5.10 8.78
CA VAL K 40 3.66 -5.64 7.47
C VAL K 40 2.59 -4.76 6.82
N ARG K 41 3.02 -3.76 6.07
CA ARG K 41 2.07 -2.86 5.42
C ARG K 41 1.81 -3.26 3.98
N THR K 42 1.71 -2.25 3.12
CA THR K 42 1.45 -2.46 1.71
C THR K 42 1.66 -1.14 0.96
N VAL K 43 2.89 -0.93 0.48
CA VAL K 43 3.26 0.30 -0.24
C VAL K 43 2.72 0.41 -1.67
N THR K 44 3.21 1.40 -2.43
CA THR K 44 2.77 1.59 -3.82
C THR K 44 3.91 1.70 -4.82
N PRO K 45 3.73 1.15 -6.03
CA PRO K 45 4.70 1.13 -7.12
C PRO K 45 5.41 2.47 -7.31
N LYS K 46 6.43 2.47 -8.14
CA LYS K 46 7.19 3.67 -8.45
C LYS K 46 6.74 4.26 -9.80
N LYS K 47 7.65 5.05 -10.37
CA LYS K 47 7.47 5.76 -11.61
C LYS K 47 6.26 5.46 -12.50
N PRO K 48 6.24 4.32 -13.21
CA PRO K 48 5.08 4.07 -14.05
C PRO K 48 4.11 2.95 -13.69
N ASN K 49 4.27 2.36 -12.51
CA ASN K 49 3.38 1.29 -12.15
C ASN K 49 2.37 1.69 -11.10
N SER K 50 1.37 0.83 -10.92
CA SER K 50 0.31 1.06 -9.96
C SER K 50 -0.11 -0.28 -9.41
N ALA K 51 -0.17 -0.39 -8.09
CA ALA K 51 -0.57 -1.64 -7.45
C ALA K 51 -0.30 -1.55 -5.95
N LEU K 52 -0.54 -2.63 -5.24
CA LEU K 52 -0.30 -2.62 -3.81
C LEU K 52 0.73 -3.65 -3.39
N ARG K 53 1.96 -3.49 -3.86
CA ARG K 53 3.03 -4.42 -3.51
C ARG K 53 3.02 -4.64 -2.00
N LYS K 54 3.29 -5.87 -1.58
CA LYS K 54 3.28 -6.20 -0.17
C LYS K 54 4.69 -6.15 0.38
N VAL K 55 4.94 -5.24 1.33
CA VAL K 55 6.26 -5.13 1.91
C VAL K 55 6.18 -5.33 3.41
N ALA K 56 7.29 -5.72 4.02
CA ALA K 56 7.32 -5.95 5.44
C ALA K 56 8.66 -5.54 6.03
N LYS K 57 8.64 -4.76 7.10
CA LYS K 57 9.86 -4.33 7.76
C LYS K 57 10.32 -5.45 8.66
N VAL K 58 11.61 -5.61 8.81
CA VAL K 58 12.12 -6.69 9.63
C VAL K 58 13.27 -6.37 10.58
N ARG K 59 13.11 -6.79 11.83
CA ARG K 59 14.15 -6.59 12.82
C ARG K 59 15.07 -7.79 12.53
N LEU K 60 16.28 -7.52 12.05
CA LEU K 60 17.20 -8.61 11.76
C LEU K 60 17.95 -9.04 13.00
N THR K 61 18.63 -10.16 12.89
CA THR K 61 19.43 -10.71 13.99
C THR K 61 20.35 -9.61 14.48
N SER K 62 21.09 -9.07 13.53
CA SER K 62 22.07 -8.03 13.71
C SER K 62 21.51 -6.67 14.17
N GLY K 63 20.54 -6.70 15.08
CA GLY K 63 19.97 -5.46 15.58
C GLY K 63 19.48 -4.53 14.50
N TYR K 64 19.51 -4.99 13.26
CA TYR K 64 19.07 -4.21 12.10
C TYR K 64 17.58 -4.34 11.88
N GLU K 65 17.01 -3.35 11.18
CA GLU K 65 15.59 -3.36 10.85
C GLU K 65 15.47 -2.81 9.43
N VAL K 66 14.93 -3.64 8.53
CA VAL K 66 14.79 -3.25 7.14
C VAL K 66 13.54 -3.77 6.44
N THR K 67 13.22 -3.13 5.32
CA THR K 67 12.08 -3.51 4.49
C THR K 67 12.44 -4.66 3.58
N ALA K 68 11.58 -5.68 3.54
CA ALA K 68 11.80 -6.83 2.70
C ALA K 68 10.54 -7.04 1.90
N TYR K 69 10.69 -7.53 0.68
CA TYR K 69 9.55 -7.76 -0.18
C TYR K 69 8.97 -9.14 0.08
N ILE K 70 7.77 -9.38 -0.46
CA ILE K 70 7.14 -10.66 -0.31
C ILE K 70 6.61 -11.06 -1.68
N PRO K 71 7.01 -12.23 -2.16
CA PRO K 71 6.63 -12.77 -3.46
C PRO K 71 5.23 -13.35 -3.58
N GLY K 72 4.93 -13.84 -4.79
CA GLY K 72 3.66 -14.48 -5.10
C GLY K 72 2.38 -13.89 -4.56
N GLU K 73 1.28 -14.58 -4.88
CA GLU K 73 -0.06 -14.18 -4.47
C GLU K 73 -0.38 -14.62 -3.04
N GLY K 74 -0.94 -13.68 -2.26
CA GLY K 74 -1.29 -13.99 -0.89
C GLY K 74 -0.11 -14.44 -0.06
N HIS K 75 -0.28 -14.48 1.25
CA HIS K 75 0.77 -14.92 2.16
C HIS K 75 0.18 -14.98 3.56
N ASN K 76 1.03 -14.85 4.58
CA ASN K 76 0.55 -14.93 5.95
C ASN K 76 1.52 -14.37 6.97
N LEU K 77 2.14 -13.24 6.70
CA LEU K 77 3.04 -12.70 7.69
C LEU K 77 2.35 -11.68 8.60
N GLN K 78 2.60 -11.81 9.89
CA GLN K 78 2.00 -10.93 10.89
C GLN K 78 3.03 -10.11 11.63
N GLU K 79 2.54 -9.15 12.40
CA GLU K 79 3.39 -8.22 13.16
C GLU K 79 4.50 -8.86 13.99
N HIS K 80 4.49 -10.17 14.13
CA HIS K 80 5.53 -10.83 14.92
C HIS K 80 6.01 -12.14 14.29
N SER K 81 5.97 -12.23 12.97
CA SER K 81 6.39 -13.45 12.28
C SER K 81 7.88 -13.58 12.03
N VAL K 82 8.47 -14.69 12.43
CA VAL K 82 9.89 -14.92 12.20
C VAL K 82 10.07 -15.23 10.70
N VAL K 83 11.14 -14.71 10.11
CA VAL K 83 11.30 -14.89 8.70
C VAL K 83 12.72 -14.86 8.18
N LEU K 84 12.93 -15.35 6.96
CA LEU K 84 14.28 -15.36 6.38
C LEU K 84 14.41 -14.36 5.23
N ILE K 85 15.38 -13.46 5.37
CA ILE K 85 15.63 -12.44 4.35
C ILE K 85 16.63 -12.96 3.37
N ARG K 86 16.28 -12.85 2.09
CA ARG K 86 17.13 -13.35 1.02
C ARG K 86 18.06 -12.41 0.31
N GLY K 87 17.65 -11.17 0.16
CA GLY K 87 18.51 -10.23 -0.51
C GLY K 87 18.31 -10.19 -2.00
N GLY K 88 17.42 -9.29 -2.43
CA GLY K 88 17.11 -9.07 -3.82
C GLY K 88 16.34 -7.79 -3.93
N ARG K 89 16.99 -6.74 -4.44
CA ARG K 89 16.30 -5.46 -4.56
C ARG K 89 15.04 -5.61 -5.43
N VAL K 90 14.06 -4.73 -5.21
CA VAL K 90 12.82 -4.74 -5.98
C VAL K 90 12.72 -3.46 -6.79
N LYS K 91 13.70 -3.24 -7.67
CA LYS K 91 13.78 -2.05 -8.54
C LYS K 91 12.44 -1.53 -9.03
N ASP K 92 11.76 -0.79 -8.18
CA ASP K 92 10.45 -0.24 -8.51
C ASP K 92 9.75 0.22 -7.22
N LEU K 93 10.45 0.05 -6.11
CA LEU K 93 9.98 0.44 -4.81
C LEU K 93 11.22 1.00 -4.15
N PRO K 94 11.24 2.29 -3.86
CA PRO K 94 12.45 2.81 -3.23
C PRO K 94 12.71 2.12 -1.89
N GLY K 95 13.95 1.71 -1.65
CA GLY K 95 14.29 1.08 -0.38
C GLY K 95 14.32 -0.45 -0.33
N VAL K 96 13.21 -1.06 -0.69
CA VAL K 96 13.12 -2.52 -0.71
C VAL K 96 14.36 -3.08 -1.36
N ARG K 97 15.28 -3.62 -0.56
CA ARG K 97 16.49 -4.22 -1.11
C ARG K 97 16.67 -5.68 -0.77
N TYR K 98 15.63 -6.33 -0.27
CA TYR K 98 15.72 -7.74 0.10
C TYR K 98 14.39 -8.45 -0.05
N HIS K 99 14.41 -9.68 -0.53
CA HIS K 99 13.18 -10.46 -0.67
C HIS K 99 13.15 -11.41 0.50
N ILE K 100 11.96 -11.87 0.87
CA ILE K 100 11.81 -12.80 1.98
C ILE K 100 11.76 -14.20 1.41
N VAL K 101 12.63 -15.08 1.90
CA VAL K 101 12.67 -16.45 1.42
C VAL K 101 11.37 -17.16 1.73
N ARG K 102 10.50 -17.29 0.74
CA ARG K 102 9.23 -17.95 0.95
C ARG K 102 9.40 -19.37 1.48
N GLY K 103 8.32 -19.87 2.08
CA GLY K 103 8.30 -21.23 2.63
C GLY K 103 9.33 -21.60 3.67
N VAL K 104 9.83 -20.63 4.41
CA VAL K 104 10.81 -20.89 5.44
C VAL K 104 10.38 -20.26 6.74
N TYR K 105 10.72 -20.87 7.87
CA TYR K 105 10.36 -20.30 9.16
C TYR K 105 8.85 -20.03 9.18
N ASP K 106 8.44 -18.83 9.58
CA ASP K 106 7.01 -18.51 9.62
C ASP K 106 6.43 -18.28 8.24
N ALA K 107 7.31 -18.11 7.25
CA ALA K 107 6.87 -17.87 5.88
C ALA K 107 6.25 -19.13 5.30
N ALA K 108 5.00 -19.00 4.86
CA ALA K 108 4.28 -20.13 4.29
C ALA K 108 4.45 -20.14 2.79
N GLY K 109 4.72 -21.31 2.24
CA GLY K 109 4.89 -21.44 0.81
C GLY K 109 3.64 -20.95 0.12
N VAL K 110 3.67 -20.95 -1.20
CA VAL K 110 2.54 -20.49 -1.97
C VAL K 110 1.56 -21.62 -2.23
N LYS K 111 0.30 -21.34 -1.94
CA LYS K 111 -0.75 -22.32 -2.10
C LYS K 111 -1.14 -22.43 -3.56
N ASP K 112 -1.12 -23.65 -4.09
CA ASP K 112 -1.52 -23.92 -5.46
C ASP K 112 -0.64 -23.40 -6.61
N ARG K 113 0.60 -23.03 -6.32
CA ARG K 113 1.47 -22.60 -7.40
C ARG K 113 1.84 -23.91 -8.05
N LYS K 114 1.89 -23.97 -9.38
CA LYS K 114 2.23 -25.22 -10.04
C LYS K 114 3.42 -25.08 -10.93
N LYS K 115 3.77 -23.84 -11.31
CA LYS K 115 4.91 -23.63 -12.18
C LYS K 115 6.21 -23.61 -11.39
N SER K 116 6.98 -22.53 -11.54
CA SER K 116 8.24 -22.42 -10.83
C SER K 116 7.87 -22.53 -9.37
N ARG K 117 8.43 -23.51 -8.67
CA ARG K 117 8.10 -23.68 -7.27
C ARG K 117 9.37 -23.68 -6.41
N SER K 118 10.51 -24.02 -7.01
CA SER K 118 11.76 -24.00 -6.25
C SER K 118 11.75 -22.62 -5.62
N LYS K 119 11.40 -21.65 -6.43
CA LYS K 119 11.29 -20.28 -5.95
C LYS K 119 9.87 -20.35 -5.41
N TYR K 120 9.59 -19.73 -4.26
CA TYR K 120 8.24 -19.76 -3.66
C TYR K 120 7.98 -20.99 -2.78
N GLY K 121 9.05 -21.76 -2.52
CA GLY K 121 8.96 -22.94 -1.69
C GLY K 121 7.71 -23.80 -1.71
N THR K 122 7.11 -24.02 -2.87
CA THR K 122 5.93 -24.86 -2.93
C THR K 122 6.31 -26.34 -3.16
N LYS K 123 5.76 -27.21 -2.32
CA LYS K 123 6.04 -28.64 -2.39
C LYS K 123 5.52 -29.23 -3.71
N LYS K 124 6.20 -30.27 -4.19
CA LYS K 124 5.83 -30.94 -5.42
C LYS K 124 4.58 -31.77 -5.18
N PRO K 125 3.45 -31.38 -5.80
CA PRO K 125 2.16 -32.07 -5.66
C PRO K 125 2.15 -33.39 -6.43
N LYS K 126 1.23 -34.27 -6.05
CA LYS K 126 1.09 -35.56 -6.70
C LYS K 126 -0.03 -35.48 -7.74
N GLU K 127 0.13 -36.21 -8.85
CA GLU K 127 -0.86 -36.21 -9.91
C GLU K 127 -1.86 -37.36 -9.82
N ALA K 128 -1.48 -38.40 -9.10
CA ALA K 128 -2.33 -39.58 -8.91
C ALA K 128 -2.89 -40.09 -10.23
N ALA K 129 -2.10 -40.30 -11.17
N LYS L 19 -29.65 118.31 -8.42
CA LYS L 19 -29.67 119.57 -7.64
C LYS L 19 -30.87 119.53 -6.68
N VAL L 20 -30.70 120.10 -5.48
CA VAL L 20 -31.72 120.18 -4.43
C VAL L 20 -32.58 118.89 -4.38
N TYR L 21 -33.50 118.76 -5.34
CA TYR L 21 -34.37 117.62 -5.42
C TYR L 21 -34.12 116.90 -6.76
N THR L 22 -34.43 117.61 -7.85
CA THR L 22 -34.28 117.09 -9.19
C THR L 22 -34.20 118.29 -10.14
N ILE L 23 -33.79 118.06 -11.38
CA ILE L 23 -33.69 119.11 -12.39
C ILE L 23 -34.20 118.51 -13.70
N ASP L 24 -35.49 118.23 -13.73
CA ASP L 24 -36.15 117.66 -14.89
C ASP L 24 -35.77 118.37 -16.18
N GLU L 25 -35.66 119.69 -16.08
CA GLU L 25 -35.31 120.52 -17.23
C GLU L 25 -33.88 120.32 -17.66
N ALA L 26 -33.04 119.79 -16.76
CA ALA L 26 -31.63 119.54 -17.06
C ALA L 26 -31.49 118.69 -18.30
N ALA L 27 -32.53 117.91 -18.63
CA ALA L 27 -32.51 117.07 -19.81
C ALA L 27 -32.65 117.96 -21.04
N ARG L 28 -31.66 118.83 -21.24
CA ARG L 28 -31.63 119.76 -22.36
C ARG L 28 -30.39 119.56 -23.27
N THR L 35 -30.58 116.88 -27.50
CA THR L 35 -30.41 116.37 -28.86
C THR L 35 -30.99 114.99 -29.02
N ALA L 36 -31.40 114.67 -30.26
CA ALA L 36 -31.97 113.39 -30.65
C ALA L 36 -33.32 113.59 -31.29
N LYS L 37 -34.32 112.85 -30.82
CA LYS L 37 -35.70 112.94 -31.32
C LYS L 37 -36.61 113.21 -30.14
N PHE L 38 -37.79 112.59 -30.10
CA PHE L 38 -38.65 112.83 -28.96
C PHE L 38 -38.03 112.10 -27.79
N ASP L 39 -37.40 112.86 -26.92
CA ASP L 39 -36.74 112.28 -25.76
C ASP L 39 -37.70 111.77 -24.69
N GLU L 40 -38.27 110.57 -24.95
CA GLU L 40 -39.18 109.91 -24.00
C GLU L 40 -38.29 108.91 -23.25
N THR L 41 -37.05 108.82 -23.74
CA THR L 41 -36.06 107.94 -23.19
C THR L 41 -35.51 108.55 -21.91
N VAL L 42 -36.39 108.65 -20.91
CA VAL L 42 -36.02 109.16 -19.62
C VAL L 42 -36.31 107.99 -18.66
N GLU L 43 -35.49 107.86 -17.63
CA GLU L 43 -35.70 106.75 -16.70
C GLU L 43 -35.24 107.00 -15.28
N VAL L 44 -35.50 105.99 -14.45
CA VAL L 44 -35.13 106.01 -13.07
C VAL L 44 -34.15 104.84 -12.91
N HIS L 45 -32.86 105.14 -12.84
CA HIS L 45 -31.86 104.11 -12.71
C HIS L 45 -31.13 104.06 -11.37
N ALA L 46 -31.70 104.68 -10.35
CA ALA L 46 -31.10 104.70 -9.02
C ALA L 46 -30.87 103.25 -8.57
N LYS L 47 -29.72 102.99 -7.95
CA LYS L 47 -29.39 101.64 -7.49
C LYS L 47 -30.37 101.03 -6.51
N LEU L 48 -29.94 99.96 -5.86
CA LEU L 48 -30.79 99.23 -4.90
C LEU L 48 -29.99 98.47 -3.86
N GLY L 49 -30.60 97.40 -3.36
CA GLY L 49 -29.97 96.55 -2.37
C GLY L 49 -30.60 95.18 -2.44
N ILE L 50 -29.77 94.14 -2.40
CA ILE L 50 -30.25 92.77 -2.49
C ILE L 50 -31.32 92.53 -1.44
N ASP L 51 -31.85 91.33 -1.39
CA ASP L 51 -32.91 90.96 -0.47
C ASP L 51 -32.50 90.51 0.93
N PRO L 52 -32.90 91.29 1.96
CA PRO L 52 -32.61 91.02 3.37
C PRO L 52 -33.39 89.78 3.83
N ARG L 53 -32.65 88.74 4.23
CA ARG L 53 -33.24 87.49 4.72
C ARG L 53 -33.92 86.69 3.61
N ARG L 54 -35.22 86.44 3.76
CA ARG L 54 -36.01 85.70 2.79
C ARG L 54 -36.93 86.69 2.09
N SER L 55 -36.46 87.27 0.98
CA SER L 55 -37.26 88.27 0.26
C SER L 55 -36.85 88.49 -1.18
N ASP L 56 -37.40 89.57 -1.75
CA ASP L 56 -37.16 89.95 -3.15
C ASP L 56 -37.77 91.31 -3.48
N GLN L 57 -38.27 91.45 -4.71
CA GLN L 57 -38.88 92.71 -5.18
C GLN L 57 -40.23 92.47 -5.88
N ASN L 58 -40.75 93.53 -6.49
CA ASN L 58 -42.02 93.49 -7.24
C ASN L 58 -42.60 94.88 -7.40
N VAL L 59 -42.74 95.32 -8.65
CA VAL L 59 -43.29 96.65 -8.94
C VAL L 59 -44.81 96.61 -8.90
N ARG L 60 -45.39 97.60 -8.23
CA ARG L 60 -46.85 97.68 -8.11
C ARG L 60 -47.50 97.76 -9.49
N GLY L 61 -48.30 96.75 -9.80
CA GLY L 61 -48.97 96.70 -11.07
C GLY L 61 -49.63 98.04 -11.42
N THR L 62 -49.24 98.60 -12.56
CA THR L 62 -49.77 99.88 -13.02
C THR L 62 -49.62 100.95 -11.94
N VAL L 63 -48.38 101.24 -11.56
CA VAL L 63 -48.07 102.23 -10.53
C VAL L 63 -48.68 103.58 -10.84
N SER L 64 -49.90 103.81 -10.32
CA SER L 64 -50.64 105.06 -10.51
C SER L 64 -49.98 106.10 -11.42
N LEU L 65 -49.02 106.84 -10.86
CA LEU L 65 -48.29 107.87 -11.60
C LEU L 65 -49.18 109.08 -11.92
N PRO L 66 -48.76 110.28 -11.52
CA PRO L 66 -49.53 111.51 -11.76
C PRO L 66 -49.53 111.96 -13.23
N HIS L 67 -49.19 111.05 -14.13
CA HIS L 67 -49.15 111.34 -15.57
C HIS L 67 -49.94 110.34 -16.40
N GLY L 68 -50.00 110.61 -17.70
CA GLY L 68 -50.69 109.73 -18.62
C GLY L 68 -49.78 109.36 -19.77
N LEU L 69 -48.78 110.22 -20.02
CA LEU L 69 -47.81 110.00 -21.10
C LEU L 69 -48.37 110.23 -22.49
N GLY L 70 -49.70 110.28 -22.62
CA GLY L 70 -50.33 110.47 -23.91
C GLY L 70 -49.99 109.30 -24.81
N LYS L 71 -50.06 108.09 -24.25
CA LYS L 71 -49.76 106.86 -24.97
C LYS L 71 -51.01 106.10 -25.40
N GLN L 72 -50.97 105.54 -26.60
CA GLN L 72 -52.09 104.75 -27.12
C GLN L 72 -51.71 103.28 -26.91
N VAL L 73 -51.44 102.96 -25.64
CA VAL L 73 -51.07 101.60 -25.24
C VAL L 73 -51.91 100.55 -25.94
N ARG L 74 -51.24 99.50 -26.40
CA ARG L 74 -51.94 98.42 -27.09
C ARG L 74 -52.33 97.34 -26.08
N VAL L 75 -53.16 97.75 -25.13
CA VAL L 75 -53.66 96.89 -24.06
C VAL L 75 -54.42 95.68 -24.60
N LEU L 76 -53.96 94.49 -24.23
CA LEU L 76 -54.58 93.23 -24.63
C LEU L 76 -55.56 92.78 -23.56
N ALA L 77 -56.74 92.30 -23.99
CA ALA L 77 -57.75 91.83 -23.09
C ALA L 77 -58.02 90.34 -23.29
N ILE L 78 -57.70 89.54 -22.28
CA ILE L 78 -57.91 88.08 -22.33
C ILE L 78 -59.42 87.80 -22.28
N ALA L 79 -60.18 88.40 -23.20
CA ALA L 79 -61.62 88.22 -23.24
C ALA L 79 -62.00 86.95 -23.98
N LYS L 80 -63.14 87.00 -24.68
CA LYS L 80 -63.65 85.87 -25.45
C LYS L 80 -64.27 86.35 -26.76
N GLY L 81 -65.38 85.75 -27.15
CA GLY L 81 -66.03 86.15 -28.38
C GLY L 81 -67.23 87.06 -28.12
N GLU L 82 -67.45 87.38 -26.85
CA GLU L 82 -68.55 88.25 -26.43
C GLU L 82 -68.13 89.72 -26.22
N LYS L 83 -66.93 89.91 -25.68
CA LYS L 83 -66.41 91.26 -25.40
C LYS L 83 -65.64 91.88 -26.57
N ILE L 84 -66.28 92.02 -27.71
CA ILE L 84 -65.63 92.60 -28.89
C ILE L 84 -66.34 93.85 -29.43
N LYS L 85 -66.57 94.81 -28.54
CA LYS L 85 -67.24 96.07 -28.89
C LYS L 85 -66.76 97.14 -27.91
N GLU L 86 -66.52 96.72 -26.67
CA GLU L 86 -66.09 97.63 -25.61
C GLU L 86 -64.64 97.38 -25.20
N ALA L 87 -64.21 96.14 -25.28
CA ALA L 87 -62.83 95.78 -24.93
C ALA L 87 -61.89 96.61 -25.80
N GLU L 88 -62.43 97.13 -26.90
CA GLU L 88 -61.66 97.94 -27.83
C GLU L 88 -61.84 99.44 -27.53
N GLU L 89 -63.03 99.80 -27.04
CA GLU L 89 -63.34 101.18 -26.70
C GLU L 89 -63.30 101.40 -25.19
N ALA L 90 -62.17 101.06 -24.58
CA ALA L 90 -61.98 101.21 -23.16
C ALA L 90 -60.56 101.72 -22.90
N GLY L 91 -59.77 101.84 -23.97
CA GLY L 91 -58.43 102.32 -23.84
C GLY L 91 -57.46 101.36 -24.53
N ALA L 92 -58.01 100.38 -25.23
CA ALA L 92 -57.21 99.38 -25.93
C ALA L 92 -57.30 99.60 -27.45
N ASP L 93 -56.24 99.23 -28.15
CA ASP L 93 -56.20 99.37 -29.61
C ASP L 93 -57.05 98.25 -30.22
N TYR L 94 -56.71 97.01 -29.83
CA TYR L 94 -57.43 95.82 -30.30
C TYR L 94 -57.51 94.80 -29.19
N VAL L 95 -58.50 93.91 -29.29
CA VAL L 95 -58.72 92.88 -28.30
C VAL L 95 -59.20 91.58 -28.96
N GLY L 96 -58.63 90.47 -28.53
CA GLY L 96 -59.01 89.17 -29.08
C GLY L 96 -59.70 88.29 -28.07
N GLY L 97 -60.26 87.17 -28.52
CA GLY L 97 -60.96 86.28 -27.62
C GLY L 97 -60.34 84.91 -27.49
N GLU L 98 -61.16 83.88 -27.64
CA GLU L 98 -60.70 82.49 -27.55
C GLU L 98 -60.52 81.79 -28.89
N GLU L 99 -60.72 82.52 -29.97
CA GLU L 99 -60.54 81.98 -31.31
C GLU L 99 -59.13 82.29 -31.76
N ILE L 100 -58.26 82.50 -30.78
CA ILE L 100 -56.85 82.81 -30.96
C ILE L 100 -56.03 82.11 -29.87
N ILE L 101 -56.72 81.31 -29.06
CA ILE L 101 -56.08 80.55 -27.97
C ILE L 101 -55.09 79.57 -28.59
N GLN L 102 -55.63 78.56 -29.29
CA GLN L 102 -54.82 77.55 -29.97
C GLN L 102 -54.84 77.73 -31.51
N LYS L 103 -55.05 78.98 -31.94
CA LYS L 103 -55.07 79.34 -33.35
C LYS L 103 -53.72 79.98 -33.64
N ILE L 104 -53.29 80.86 -32.74
CA ILE L 104 -51.99 81.52 -32.84
C ILE L 104 -51.03 80.65 -32.06
N LEU L 105 -51.21 79.34 -32.19
CA LEU L 105 -50.40 78.34 -31.49
C LEU L 105 -49.54 77.53 -32.46
N ASP L 106 -49.84 77.61 -33.75
CA ASP L 106 -49.09 76.88 -34.77
C ASP L 106 -48.02 77.74 -35.44
N GLY L 107 -47.28 78.47 -34.61
CA GLY L 107 -46.20 79.37 -35.09
C GLY L 107 -45.49 80.00 -33.90
N TRP L 108 -44.16 80.14 -34.00
CA TRP L 108 -43.37 80.75 -32.95
C TRP L 108 -43.30 82.26 -33.18
N MET L 109 -44.15 82.74 -34.08
CA MET L 109 -44.22 84.16 -34.42
C MET L 109 -45.67 84.64 -34.46
N ASP L 110 -46.60 83.71 -34.32
CA ASP L 110 -48.03 84.04 -34.33
C ASP L 110 -48.49 84.56 -32.96
N PHE L 111 -47.74 84.20 -31.92
CA PHE L 111 -48.03 84.62 -30.55
C PHE L 111 -46.80 85.23 -29.90
N VAL L 120 -50.17 95.16 -24.48
CA VAL L 120 -50.26 94.69 -23.09
C VAL L 120 -50.68 93.22 -23.05
N MET L 121 -51.02 92.76 -21.85
CA MET L 121 -51.43 91.37 -21.65
C MET L 121 -52.08 91.17 -20.29
N GLY L 122 -53.37 90.84 -20.30
CA GLY L 122 -54.13 90.60 -19.08
C GLY L 122 -54.19 89.09 -18.87
N ALA L 123 -55.11 88.67 -18.01
CA ALA L 123 -55.28 87.26 -17.71
C ALA L 123 -56.61 86.98 -17.02
N VAL L 124 -57.20 85.83 -17.33
CA VAL L 124 -58.48 85.42 -16.74
C VAL L 124 -58.36 85.40 -15.21
N GLY L 125 -58.94 86.40 -14.56
CA GLY L 125 -58.90 86.49 -13.10
C GLY L 125 -59.38 85.18 -12.47
N SER L 126 -59.25 85.08 -11.13
CA SER L 126 -59.64 83.91 -10.38
C SER L 126 -58.57 82.83 -10.40
N LYS L 127 -58.96 81.57 -10.21
CA LYS L 127 -58.03 80.46 -10.22
C LYS L 127 -57.90 79.84 -11.61
N LEU L 128 -58.58 80.42 -12.59
CA LEU L 128 -58.54 79.93 -13.97
C LEU L 128 -57.11 79.85 -14.49
N GLY L 129 -56.76 78.68 -15.03
CA GLY L 129 -55.42 78.46 -15.56
C GLY L 129 -55.28 79.04 -16.97
N ARG L 130 -55.11 80.34 -17.07
CA ARG L 130 -54.94 80.99 -18.36
C ARG L 130 -53.58 80.54 -18.89
N ILE L 131 -52.83 79.88 -18.03
CA ILE L 131 -51.50 79.36 -18.35
C ILE L 131 -51.60 78.10 -19.21
N LEU L 132 -52.33 78.19 -20.32
CA LEU L 132 -52.50 77.08 -21.24
C LEU L 132 -51.89 77.48 -22.56
N GLY L 133 -52.18 78.71 -22.98
CA GLY L 133 -51.66 79.27 -24.23
C GLY L 133 -50.73 80.41 -23.83
N PRO L 134 -50.47 80.52 -22.52
CA PRO L 134 -49.61 81.55 -21.97
C PRO L 134 -48.48 80.93 -21.17
N ARG L 135 -48.59 79.64 -20.89
CA ARG L 135 -47.58 78.93 -20.13
C ARG L 135 -46.47 78.39 -21.02
N GLY L 136 -46.67 78.50 -22.34
CA GLY L 136 -45.70 78.02 -23.30
C GLY L 136 -45.25 79.18 -24.23
N LEU L 137 -45.10 78.87 -25.52
CA LEU L 137 -44.67 79.87 -26.51
C LEU L 137 -45.46 81.17 -26.36
N ASN L 140 -43.52 83.10 -22.18
CA ASN L 140 -42.13 83.44 -21.92
C ASN L 140 -41.94 84.94 -21.75
N PRO L 141 -42.88 85.71 -22.32
CA PRO L 141 -42.82 87.17 -22.26
C PRO L 141 -43.32 87.70 -20.90
N LYS L 142 -44.07 88.80 -20.95
CA LYS L 142 -44.60 89.40 -19.72
C LYS L 142 -46.12 89.21 -19.65
N ALA L 143 -46.60 88.68 -18.52
CA ALA L 143 -48.02 88.44 -18.33
C ALA L 143 -48.34 88.05 -16.88
N GLY L 144 -49.27 88.77 -16.27
CA GLY L 144 -49.67 88.51 -14.90
C GLY L 144 -51.02 89.14 -14.57
N THR L 145 -51.21 89.55 -13.32
CA THR L 145 -52.45 90.17 -12.85
C THR L 145 -52.92 91.31 -13.77
N VAL L 146 -54.21 91.62 -13.74
CA VAL L 146 -54.78 92.69 -14.57
C VAL L 146 -55.98 93.38 -13.90
N GLY L 147 -56.72 94.17 -14.68
CA GLY L 147 -57.90 94.90 -14.20
C GLY L 147 -59.14 94.00 -14.22
N PHE L 148 -60.00 94.15 -13.19
CA PHE L 148 -61.21 93.35 -13.07
C PHE L 148 -62.49 94.17 -13.28
N ASN L 149 -63.49 93.55 -13.91
CA ASN L 149 -64.78 94.16 -14.17
C ASN L 149 -65.70 93.22 -14.97
N ILE L 150 -66.46 92.39 -14.25
CA ILE L 150 -67.36 91.43 -14.89
C ILE L 150 -68.63 92.10 -15.43
N GLY L 151 -68.54 93.39 -15.69
CA GLY L 151 -69.66 94.16 -16.23
C GLY L 151 -69.40 94.45 -17.70
N GLU L 152 -68.17 94.85 -18.01
CA GLU L 152 -67.76 95.16 -19.37
C GLU L 152 -66.28 95.59 -19.38
N ILE L 153 -65.60 95.36 -20.49
CA ILE L 153 -64.21 95.73 -20.61
C ILE L 153 -64.02 97.24 -20.79
N ILE L 154 -65.10 97.94 -21.16
CA ILE L 154 -65.07 99.37 -21.35
C ILE L 154 -66.01 100.09 -20.40
N ARG L 155 -65.76 101.37 -20.15
CA ARG L 155 -66.58 102.18 -19.27
C ARG L 155 -65.98 103.56 -19.08
N GLU L 156 -66.66 104.42 -18.32
CA GLU L 156 -66.21 105.76 -18.04
C GLU L 156 -65.32 105.70 -16.79
N ILE L 157 -65.41 104.57 -16.09
CA ILE L 157 -64.62 104.33 -14.88
C ILE L 157 -63.50 103.36 -15.22
N LYS L 158 -63.07 103.39 -16.49
CA LYS L 158 -62.00 102.51 -16.97
C LYS L 158 -60.64 103.18 -16.78
N ALA L 159 -60.42 103.76 -15.60
CA ALA L 159 -59.16 104.44 -15.29
C ALA L 159 -58.09 103.43 -14.87
N GLY L 160 -56.82 103.84 -15.01
CA GLY L 160 -55.70 102.98 -14.66
C GLY L 160 -55.73 101.67 -15.45
N ARG L 161 -55.18 101.71 -16.65
CA ARG L 161 -55.13 100.55 -17.54
C ARG L 161 -54.56 101.02 -18.89
N ILE L 162 -53.60 101.93 -18.79
CA ILE L 162 -52.94 102.50 -19.96
C ILE L 162 -52.00 103.63 -19.53
N GLU L 163 -51.84 103.78 -18.21
CA GLU L 163 -50.98 104.81 -17.64
C GLU L 163 -49.57 104.29 -17.32
N PHE L 164 -49.42 103.71 -16.13
CA PHE L 164 -48.13 103.16 -15.70
C PHE L 164 -48.12 101.64 -15.72
N ARG L 165 -46.91 101.06 -15.58
CA ARG L 165 -46.79 99.61 -15.59
C ARG L 165 -45.88 99.07 -14.47
N ASN L 166 -44.82 98.37 -14.85
CA ASN L 166 -43.92 97.79 -13.86
C ASN L 166 -42.42 97.78 -14.28
N ASP L 167 -41.59 97.24 -13.38
CA ASP L 167 -40.13 97.11 -13.55
C ASP L 167 -39.57 96.56 -12.22
N LYS L 168 -39.51 95.24 -12.10
CA LYS L 168 -39.01 94.61 -10.86
C LYS L 168 -37.54 94.18 -10.88
N THR L 169 -37.19 93.41 -9.84
CA THR L 169 -35.82 92.90 -9.66
C THR L 169 -35.13 92.51 -10.98
N GLY L 170 -33.85 92.82 -11.07
CA GLY L 170 -33.07 92.50 -12.27
C GLY L 170 -31.89 91.59 -11.97
N ALA L 171 -31.91 90.99 -10.78
CA ALA L 171 -30.84 90.07 -10.38
C ALA L 171 -29.53 90.83 -10.19
N ILE L 172 -29.08 91.51 -11.23
CA ILE L 172 -27.85 92.27 -11.16
C ILE L 172 -28.07 93.51 -10.33
N HIS L 173 -29.23 94.13 -10.53
CA HIS L 173 -29.63 95.34 -9.82
C HIS L 173 -30.84 95.91 -10.56
N ALA L 174 -32.03 95.61 -10.06
CA ALA L 174 -33.29 96.05 -10.67
C ALA L 174 -33.34 97.52 -11.06
N PRO L 175 -34.12 98.30 -10.33
CA PRO L 175 -34.29 99.72 -10.64
C PRO L 175 -34.59 99.79 -12.14
N VAL L 176 -34.00 100.75 -12.84
CA VAL L 176 -34.25 100.88 -14.28
C VAL L 176 -35.74 101.00 -14.57
N GLY L 177 -36.27 102.21 -14.40
CA GLY L 177 -37.70 102.47 -14.62
C GLY L 177 -37.95 103.28 -15.90
N LYS L 178 -39.19 103.74 -16.06
CA LYS L 178 -39.57 104.53 -17.24
C LYS L 178 -39.75 106.01 -16.90
N ALA L 179 -40.24 106.78 -17.88
CA ALA L 179 -40.47 108.21 -17.69
C ALA L 179 -41.13 108.82 -18.91
N SER L 180 -41.67 110.02 -18.76
CA SER L 180 -42.35 110.73 -19.85
C SER L 180 -41.41 111.06 -21.00
N PHE L 181 -41.46 112.31 -21.45
CA PHE L 181 -40.63 112.78 -22.55
C PHE L 181 -40.26 114.24 -22.30
N PRO L 182 -39.46 114.83 -23.17
CA PRO L 182 -39.03 116.21 -23.03
C PRO L 182 -40.14 117.25 -23.11
N PRO L 183 -41.29 116.95 -22.53
CA PRO L 183 -42.42 117.88 -22.57
C PRO L 183 -43.08 118.12 -21.21
N GLU L 184 -42.38 118.83 -20.33
CA GLU L 184 -42.89 119.15 -19.00
C GLU L 184 -41.79 119.76 -18.13
N LYS L 185 -42.17 120.70 -17.27
CA LYS L 185 -41.23 121.37 -16.36
C LYS L 185 -41.11 120.51 -15.11
N LEU L 186 -41.72 120.96 -14.01
CA LEU L 186 -41.69 120.23 -12.74
C LEU L 186 -42.76 119.15 -12.79
N ALA L 187 -43.35 118.97 -13.95
CA ALA L 187 -44.39 117.96 -14.14
C ALA L 187 -43.68 116.62 -14.26
N ASP L 188 -42.56 116.63 -14.99
CA ASP L 188 -41.77 115.40 -15.18
C ASP L 188 -41.20 114.91 -13.86
N ASN L 189 -41.45 115.67 -12.79
CA ASN L 189 -40.98 115.31 -11.45
C ASN L 189 -41.89 114.26 -10.82
N ILE L 190 -42.45 113.38 -11.66
CA ILE L 190 -43.32 112.31 -11.20
C ILE L 190 -42.46 111.18 -10.69
N ARG L 191 -41.26 111.06 -11.28
CA ARG L 191 -40.30 110.06 -10.91
C ARG L 191 -40.17 110.00 -9.40
N ALA L 192 -40.49 111.12 -8.77
CA ALA L 192 -40.39 111.22 -7.31
C ALA L 192 -41.42 110.36 -6.58
N PHE L 193 -42.47 111.00 -6.08
CA PHE L 193 -43.52 110.30 -5.33
C PHE L 193 -44.07 109.08 -6.04
N ILE L 194 -43.45 108.67 -7.14
CA ILE L 194 -43.87 107.51 -7.90
C ILE L 194 -42.78 106.43 -7.91
N ARG L 195 -41.93 106.46 -8.93
CA ARG L 195 -40.85 105.48 -9.05
C ARG L 195 -39.96 105.55 -7.82
N ALA L 196 -39.91 106.73 -7.19
CA ALA L 196 -39.09 106.89 -6.01
C ALA L 196 -39.85 106.43 -4.77
N LEU L 197 -41.14 106.71 -4.73
CA LEU L 197 -41.95 106.28 -3.60
C LEU L 197 -42.26 104.78 -3.70
N GLU L 198 -41.70 104.15 -4.73
CA GLU L 198 -41.86 102.72 -4.95
C GLU L 198 -41.34 102.03 -3.72
N ALA L 199 -40.59 102.79 -2.93
CA ALA L 199 -40.01 102.30 -1.68
C ALA L 199 -41.17 101.91 -0.77
N HIS L 200 -41.63 100.67 -0.93
CA HIS L 200 -42.74 100.16 -0.13
C HIS L 200 -42.52 98.69 0.19
N LYS L 201 -41.87 97.98 -0.72
CA LYS L 201 -41.60 96.56 -0.53
C LYS L 201 -40.11 96.30 -0.37
N PRO L 202 -39.71 95.87 0.83
CA PRO L 202 -38.31 95.58 1.13
C PRO L 202 -38.12 95.19 2.60
N GLU L 203 -37.30 94.18 2.86
CA GLU L 203 -37.02 93.79 4.25
C GLU L 203 -35.94 94.76 4.72
N GLY L 204 -34.89 94.27 5.41
CA GLY L 204 -33.86 95.18 5.86
C GLY L 204 -32.47 94.57 5.95
N ALA L 205 -31.55 95.06 5.12
CA ALA L 205 -30.16 94.58 5.13
C ALA L 205 -29.26 95.44 4.27
N LYS L 206 -29.50 96.74 4.27
CA LYS L 206 -28.70 97.69 3.50
C LYS L 206 -29.36 99.08 3.43
N GLY L 207 -29.20 99.75 2.29
CA GLY L 207 -29.78 101.08 2.03
C GLY L 207 -30.12 101.24 0.55
N THR L 208 -31.41 101.22 0.22
CA THR L 208 -31.87 101.34 -1.16
C THR L 208 -31.60 102.74 -1.72
N PHE L 209 -30.48 102.89 -2.41
CA PHE L 209 -30.12 104.20 -2.98
C PHE L 209 -29.00 104.15 -4.03
N LEU L 210 -28.61 105.35 -4.47
CA LEU L 210 -27.58 105.61 -5.49
C LEU L 210 -28.26 106.03 -6.80
N ARG L 211 -29.03 107.11 -6.72
CA ARG L 211 -29.81 107.69 -7.80
C ARG L 211 -29.09 107.88 -9.15
N SER L 212 -29.91 108.17 -10.16
CA SER L 212 -29.45 108.39 -11.53
C SER L 212 -30.68 108.36 -12.45
N VAL L 213 -30.96 109.47 -13.13
CA VAL L 213 -32.12 109.55 -14.03
C VAL L 213 -31.81 110.06 -15.45
N TYR L 214 -32.48 109.47 -16.43
CA TYR L 214 -32.35 109.80 -17.86
C TYR L 214 -32.21 108.56 -18.75
N VAL L 215 -31.82 108.77 -20.01
CA VAL L 215 -31.60 107.69 -20.97
C VAL L 215 -31.36 108.18 -22.39
N THR L 216 -30.98 107.26 -23.28
CA THR L 216 -30.69 107.52 -24.70
C THR L 216 -30.10 108.90 -24.97
N THR L 217 -28.94 109.15 -24.38
CA THR L 217 -28.21 110.40 -24.53
C THR L 217 -27.12 110.42 -23.46
N THR L 218 -27.56 110.23 -22.22
CA THR L 218 -26.71 110.21 -21.04
C THR L 218 -27.63 110.26 -19.84
N MET L 219 -27.06 110.36 -18.64
CA MET L 219 -27.88 110.42 -17.44
C MET L 219 -27.18 111.05 -16.24
N GLY L 220 -27.89 111.97 -15.59
CA GLY L 220 -27.35 112.65 -14.41
C GLY L 220 -27.90 111.96 -13.16
N PRO L 221 -27.74 112.61 -12.01
CA PRO L 221 -28.24 112.04 -10.76
C PRO L 221 -28.22 113.04 -9.59
N SER L 222 -29.22 112.94 -8.74
CA SER L 222 -29.34 113.83 -7.59
C SER L 222 -30.06 113.12 -6.44
N VAL L 223 -29.94 113.67 -5.23
CA VAL L 223 -30.55 113.08 -4.04
C VAL L 223 -32.00 112.68 -4.27
N ARG L 224 -32.37 111.52 -3.72
CA ARG L 224 -33.73 111.01 -3.87
C ARG L 224 -34.55 111.36 -2.62
N ILE L 225 -35.70 110.86 -2.50
N GLU M 6 21.07 -62.23 32.99
CA GLU M 6 20.78 -61.02 33.84
C GLU M 6 19.48 -60.34 33.40
N TYR M 7 18.91 -60.78 32.28
CA TYR M 7 17.65 -60.25 31.79
C TYR M 7 16.64 -61.37 31.71
N ASP M 8 15.41 -61.11 32.13
CA ASP M 8 14.37 -62.13 32.11
C ASP M 8 13.00 -61.51 32.38
N LEU M 9 12.24 -61.27 31.32
CA LEU M 9 10.91 -60.68 31.47
C LEU M 9 10.21 -61.13 32.73
N LYS M 10 10.00 -62.44 32.86
CA LYS M 10 9.32 -62.99 34.02
C LYS M 10 9.68 -62.27 35.31
N ARG M 11 10.87 -61.68 35.38
CA ARG M 11 11.30 -60.97 36.59
C ARG M 11 11.52 -59.46 36.46
N LEU M 12 10.93 -58.86 35.43
CA LEU M 12 11.00 -57.42 35.20
C LEU M 12 9.71 -56.89 35.82
N ARG M 13 9.71 -55.64 36.28
CA ARG M 13 8.51 -55.13 36.93
C ARG M 13 8.43 -53.61 36.80
N ASN M 14 7.84 -53.15 35.71
CA ASN M 14 7.72 -51.72 35.43
C ASN M 14 6.52 -51.15 36.12
N ILE M 15 6.76 -50.35 37.16
CA ILE M 15 5.68 -49.76 37.94
C ILE M 15 5.70 -48.26 37.88
N GLY M 16 4.71 -47.64 38.54
CA GLY M 16 4.61 -46.19 38.57
C GLY M 16 3.77 -45.79 39.76
N ILE M 17 4.34 -45.02 40.69
CA ILE M 17 3.59 -44.61 41.86
C ILE M 17 2.70 -43.43 41.51
N ALA M 18 1.48 -43.46 42.00
CA ALA M 18 0.54 -42.40 41.72
C ALA M 18 -0.36 -42.16 42.91
N ALA M 19 -0.56 -40.89 43.26
CA ALA M 19 -1.40 -40.56 44.40
C ALA M 19 -1.94 -39.13 44.36
N HIS M 20 -2.89 -38.82 45.25
CA HIS M 20 -3.42 -37.47 45.28
C HIS M 20 -2.23 -36.63 45.72
N ILE M 21 -2.14 -35.42 45.17
CA ILE M 21 -1.07 -34.50 45.52
C ILE M 21 -0.83 -34.58 47.03
N ASP M 22 0.43 -34.49 47.41
CA ASP M 22 0.79 -34.52 48.80
C ASP M 22 0.53 -35.80 49.60
N ALA M 23 0.05 -36.87 48.96
CA ALA M 23 -0.26 -38.11 49.66
C ALA M 23 0.95 -38.94 50.04
N GLY M 24 2.03 -38.81 49.27
CA GLY M 24 3.19 -39.59 49.59
C GLY M 24 3.85 -40.27 48.44
N LYS M 25 3.64 -39.77 47.22
CA LYS M 25 4.29 -40.40 46.08
C LYS M 25 5.82 -40.29 46.13
N THR M 26 6.34 -39.06 46.22
CA THR M 26 7.78 -38.85 46.25
C THR M 26 8.43 -39.63 47.40
N THR M 27 7.87 -39.47 48.61
CA THR M 27 8.44 -40.14 49.77
C THR M 27 8.45 -41.64 49.60
N THR M 28 7.34 -42.20 49.14
CA THR M 28 7.23 -43.64 48.92
C THR M 28 8.26 -44.11 47.91
N THR M 29 8.48 -43.34 46.85
CA THR M 29 9.45 -43.68 45.84
C THR M 29 10.87 -43.57 46.38
N GLU M 30 11.14 -42.51 47.15
CA GLU M 30 12.46 -42.30 47.73
C GLU M 30 12.79 -43.46 48.68
N ARG M 31 11.81 -43.84 49.52
CA ARG M 31 12.02 -44.92 50.46
C ARG M 31 12.21 -46.26 49.73
N ILE M 32 11.63 -46.38 48.53
CA ILE M 32 11.79 -47.61 47.78
C ILE M 32 13.26 -47.66 47.36
N LEU M 33 13.72 -46.58 46.78
CA LEU M 33 15.10 -46.47 46.31
C LEU M 33 16.10 -46.70 47.44
N TYR M 34 15.73 -46.28 48.65
CA TYR M 34 16.59 -46.47 49.79
C TYR M 34 16.73 -47.95 50.12
N TYR M 35 15.61 -48.59 50.43
CA TYR M 35 15.63 -50.01 50.75
C TYR M 35 16.26 -50.86 49.66
N THR M 36 15.86 -50.68 48.43
CA THR M 36 16.42 -51.47 47.34
C THR M 36 17.87 -51.05 47.14
N GLY M 37 18.19 -49.83 47.54
CA GLY M 37 19.55 -49.33 47.36
C GLY M 37 20.61 -49.90 48.29
N ARG M 38 20.20 -50.69 49.29
CA ARG M 38 21.16 -51.27 50.23
C ARG M 38 21.64 -52.63 49.80
N ILE M 39 22.90 -52.68 49.37
CA ILE M 39 23.53 -53.89 48.89
C ILE M 39 24.94 -54.05 49.46
N ALA M 68 13.31 -39.89 35.57
CA ALA M 68 12.23 -40.09 34.60
C ALA M 68 11.84 -41.52 34.68
N VAL M 69 12.84 -42.34 34.98
CA VAL M 69 12.67 -43.76 35.19
C VAL M 69 13.94 -44.18 35.88
N THR M 70 13.79 -44.49 37.16
CA THR M 70 14.89 -44.92 37.99
C THR M 70 14.74 -46.42 38.16
N THR M 71 15.82 -47.16 38.04
CA THR M 71 15.80 -48.59 38.16
C THR M 71 16.31 -49.02 39.53
N CYS M 72 16.04 -50.27 39.89
CA CYS M 72 16.48 -50.83 41.15
C CYS M 72 16.15 -52.30 41.21
N PHE M 73 16.74 -53.02 42.15
CA PHE M 73 16.46 -54.45 42.29
C PHE M 73 15.91 -54.80 43.64
N TRP M 74 15.08 -55.83 43.66
CA TRP M 74 14.48 -56.32 44.87
C TRP M 74 14.17 -57.80 44.70
N LYS M 75 14.63 -58.60 45.65
CA LYS M 75 14.38 -60.03 45.64
C LYS M 75 14.57 -60.59 44.24
N ASP M 76 15.73 -60.30 43.65
CA ASP M 76 16.05 -60.79 42.31
C ASP M 76 15.10 -60.30 41.23
N HIS M 77 14.63 -59.06 41.37
CA HIS M 77 13.72 -58.51 40.35
C HIS M 77 14.10 -57.09 40.07
N ARG M 78 14.03 -56.69 38.80
CA ARG M 78 14.34 -55.32 38.43
C ARG M 78 13.03 -54.54 38.46
N ILE M 79 13.02 -53.45 39.22
CA ILE M 79 11.84 -52.60 39.30
C ILE M 79 12.21 -51.32 38.60
N ASN M 80 11.43 -50.97 37.60
CA ASN M 80 11.64 -49.75 36.85
C ASN M 80 10.56 -48.79 37.28
N ILE M 81 10.89 -47.87 38.14
CA ILE M 81 9.87 -46.92 38.60
C ILE M 81 9.67 -45.85 37.58
N ILE M 82 8.63 -45.96 36.79
CA ILE M 82 8.34 -44.96 35.80
C ILE M 82 7.84 -43.74 36.58
N ASP M 83 8.29 -42.55 36.19
CA ASP M 83 7.87 -41.34 36.90
C ASP M 83 6.58 -40.79 36.32
N THR M 84 5.49 -40.92 37.07
CA THR M 84 4.22 -40.41 36.64
C THR M 84 4.23 -38.89 36.73
N PRO M 85 3.41 -38.23 35.91
CA PRO M 85 3.33 -36.75 35.90
C PRO M 85 3.25 -36.18 37.30
N GLY M 86 3.66 -34.93 37.45
CA GLY M 86 3.63 -34.29 38.76
C GLY M 86 2.22 -34.15 39.30
N HIS M 87 1.27 -33.86 38.41
CA HIS M 87 -0.13 -33.68 38.81
C HIS M 87 -1.04 -34.30 37.74
N VAL M 88 -2.15 -34.88 38.18
CA VAL M 88 -3.12 -35.50 37.24
C VAL M 88 -3.58 -34.61 36.11
N ASP M 89 -3.60 -33.30 36.34
CA ASP M 89 -4.02 -32.36 35.31
C ASP M 89 -3.15 -32.50 34.06
N PHE M 90 -1.89 -32.90 34.22
CA PHE M 90 -0.99 -33.13 33.10
C PHE M 90 -1.54 -34.34 32.37
N THR M 91 -2.74 -34.19 31.84
CA THR M 91 -3.43 -35.29 31.16
C THR M 91 -2.60 -36.08 30.15
N ILE M 92 -2.17 -35.43 29.09
CA ILE M 92 -1.38 -36.10 28.06
C ILE M 92 -0.23 -36.91 28.72
N GLU M 93 0.57 -36.24 29.54
CA GLU M 93 1.69 -36.89 30.22
C GLU M 93 1.27 -38.15 30.98
N VAL M 94 0.16 -38.06 31.71
CA VAL M 94 -0.34 -39.18 32.51
C VAL M 94 -0.72 -40.39 31.66
N GLU M 95 -1.52 -40.19 30.63
CA GLU M 95 -1.95 -41.28 29.78
C GLU M 95 -0.72 -41.96 29.18
N ARG M 96 0.23 -41.16 28.75
CA ARG M 96 1.44 -41.72 28.18
C ARG M 96 2.21 -42.55 29.21
N SER M 97 2.22 -42.13 30.48
CA SER M 97 2.94 -42.88 31.49
C SER M 97 2.23 -44.18 31.82
N MET M 98 0.91 -44.22 31.59
CA MET M 98 0.14 -45.44 31.86
C MET M 98 0.56 -46.50 30.86
N ARG M 99 0.80 -46.05 29.62
CA ARG M 99 1.22 -46.94 28.56
C ARG M 99 2.68 -47.33 28.71
N VAL M 100 3.47 -46.47 29.35
CA VAL M 100 4.89 -46.76 29.55
C VAL M 100 5.19 -47.66 30.76
N LEU M 101 4.31 -47.65 31.76
CA LEU M 101 4.48 -48.49 32.93
C LEU M 101 3.68 -49.75 32.66
N ASP M 102 3.76 -50.73 33.55
CA ASP M 102 2.97 -51.96 33.39
C ASP M 102 2.02 -52.14 34.57
N GLY M 103 2.51 -51.83 35.76
CA GLY M 103 1.71 -51.94 36.95
C GLY M 103 1.75 -50.63 37.72
N ALA M 104 0.86 -50.47 38.68
CA ALA M 104 0.83 -49.24 39.46
C ALA M 104 0.61 -49.48 40.94
N ILE M 105 1.08 -48.55 41.76
CA ILE M 105 0.89 -48.63 43.21
C ILE M 105 0.18 -47.33 43.52
N VAL M 106 -1.08 -47.39 43.90
CA VAL M 106 -1.77 -46.18 44.22
C VAL M 106 -1.61 -45.92 45.70
N VAL M 107 -1.05 -44.76 46.02
CA VAL M 107 -0.83 -44.34 47.39
C VAL M 107 -1.93 -43.41 47.86
N PHE M 108 -2.52 -43.69 49.01
CA PHE M 108 -3.59 -42.87 49.55
C PHE M 108 -3.12 -42.28 50.86
N ASP M 109 -3.60 -41.11 51.22
CA ASP M 109 -3.23 -40.55 52.50
C ASP M 109 -4.22 -41.30 53.38
N SER M 110 -3.75 -42.20 54.23
CA SER M 110 -4.64 -42.99 55.05
C SER M 110 -5.53 -42.25 56.03
N SER M 111 -5.38 -40.95 56.13
CA SER M 111 -6.22 -40.17 57.04
C SER M 111 -7.30 -39.46 56.21
N GLN M 112 -7.06 -39.33 54.92
CA GLN M 112 -8.01 -38.70 54.00
C GLN M 112 -8.85 -39.70 53.21
N GLY M 113 -8.27 -40.85 52.91
CA GLY M 113 -8.99 -41.85 52.14
C GLY M 113 -8.70 -41.63 50.67
N VAL M 114 -9.61 -42.07 49.81
CA VAL M 114 -9.44 -41.89 48.38
C VAL M 114 -9.94 -40.51 47.94
N GLU M 115 -9.02 -39.53 47.94
CA GLU M 115 -9.33 -38.16 47.58
C GLU M 115 -9.67 -37.93 46.10
N PRO M 116 -10.13 -36.72 45.73
CA PRO M 116 -10.48 -36.39 44.35
C PRO M 116 -9.51 -36.85 43.27
N GLN M 117 -8.24 -36.50 43.42
CA GLN M 117 -7.26 -36.90 42.43
C GLN M 117 -7.02 -38.41 42.43
N SER M 118 -7.11 -39.00 43.62
CA SER M 118 -6.92 -40.46 43.77
C SER M 118 -7.85 -41.09 42.78
N GLU M 119 -9.07 -40.56 42.76
CA GLU M 119 -10.13 -41.01 41.87
C GLU M 119 -9.72 -40.78 40.42
N THR M 120 -9.14 -39.62 40.15
CA THR M 120 -8.69 -39.25 38.81
C THR M 120 -7.65 -40.21 38.25
N VAL M 121 -6.59 -40.50 39.05
CA VAL M 121 -5.55 -41.42 38.61
C VAL M 121 -6.15 -42.80 38.45
N TRP M 122 -7.11 -43.12 39.32
CA TRP M 122 -7.78 -44.40 39.27
C TRP M 122 -8.47 -44.56 37.93
N ARG M 123 -9.25 -43.56 37.55
CA ARG M 123 -9.96 -43.63 36.27
C ARG M 123 -8.91 -43.84 35.17
N GLN M 124 -7.83 -43.09 35.26
CA GLN M 124 -6.76 -43.23 34.27
C GLN M 124 -6.27 -44.67 34.20
N ALA M 125 -5.94 -45.24 35.37
CA ALA M 125 -5.47 -46.60 35.45
C ALA M 125 -6.48 -47.56 34.87
N GLU M 126 -7.78 -47.26 35.05
CA GLU M 126 -8.81 -48.10 34.52
C GLU M 126 -8.85 -47.99 33.00
N LYS M 127 -8.73 -46.78 32.48
CA LYS M 127 -8.76 -46.53 31.04
C LYS M 127 -7.71 -47.34 30.29
N TYR M 128 -6.52 -47.47 30.86
CA TYR M 128 -5.45 -48.20 30.23
C TYR M 128 -5.31 -49.61 30.82
N LYS M 129 -6.38 -50.03 31.48
CA LYS M 129 -6.46 -51.36 32.09
C LYS M 129 -5.17 -51.84 32.69
N VAL M 130 -4.56 -51.03 33.52
CA VAL M 130 -3.30 -51.40 34.14
C VAL M 130 -3.51 -51.95 35.53
N PRO M 131 -3.02 -53.19 35.80
CA PRO M 131 -3.19 -53.78 37.13
C PRO M 131 -2.62 -52.83 38.16
N ARG M 132 -3.12 -52.93 39.39
CA ARG M 132 -2.68 -52.04 40.46
C ARG M 132 -2.83 -52.61 41.87
N ILE M 133 -2.06 -52.08 42.80
CA ILE M 133 -2.15 -52.44 44.21
C ILE M 133 -2.28 -51.10 44.92
N ALA M 134 -2.71 -51.09 46.16
CA ALA M 134 -2.88 -49.81 46.85
C ALA M 134 -2.03 -49.79 48.08
N PHE M 135 -1.62 -48.60 48.50
CA PHE M 135 -0.80 -48.49 49.70
C PHE M 135 -1.36 -47.39 50.58
N ALA M 136 -1.79 -47.78 51.76
CA ALA M 136 -2.36 -46.84 52.72
C ALA M 136 -1.21 -46.20 53.48
N ASN M 137 -0.81 -45.01 53.02
CA ASN M 137 0.29 -44.29 53.63
C ASN M 137 -0.13 -43.38 54.78
N LYS M 138 0.85 -42.98 55.60
CA LYS M 138 0.62 -42.09 56.73
C LYS M 138 -0.18 -42.74 57.85
N MET M 139 -0.02 -44.04 58.04
CA MET M 139 -0.73 -44.75 59.08
C MET M 139 -0.31 -44.21 60.43
N ASP M 140 0.81 -43.52 60.44
CA ASP M 140 1.37 -42.93 61.65
C ASP M 140 0.71 -41.63 62.03
N LYS M 141 0.14 -40.94 61.05
CA LYS M 141 -0.51 -39.65 61.27
C LYS M 141 -1.84 -39.73 62.02
N THR M 142 -2.21 -38.66 62.70
CA THR M 142 -3.47 -38.65 63.45
C THR M 142 -4.62 -38.69 62.44
N GLY M 143 -5.60 -39.53 62.75
CA GLY M 143 -6.76 -39.65 61.89
C GLY M 143 -6.60 -40.72 60.85
N ALA M 144 -5.40 -41.29 60.75
CA ALA M 144 -5.14 -42.34 59.77
C ALA M 144 -6.06 -43.52 60.03
N ASP M 145 -6.74 -43.99 58.98
CA ASP M 145 -7.63 -45.13 59.13
C ASP M 145 -7.68 -46.03 57.89
N LEU M 146 -7.21 -47.26 58.05
CA LEU M 146 -7.20 -48.23 56.97
C LEU M 146 -8.60 -48.55 56.44
N TRP M 147 -9.59 -48.42 57.31
CA TRP M 147 -10.96 -48.74 56.90
C TRP M 147 -11.63 -47.63 56.10
N LEU M 148 -11.12 -46.42 56.27
CA LEU M 148 -11.63 -45.26 55.56
C LEU M 148 -11.13 -45.41 54.09
N VAL M 149 -9.93 -45.96 53.95
CA VAL M 149 -9.37 -46.14 52.63
C VAL M 149 -10.03 -47.32 51.92
N ILE M 150 -10.36 -48.35 52.70
CA ILE M 150 -10.99 -49.53 52.13
C ILE M 150 -12.41 -49.22 51.72
N ARG M 151 -13.17 -48.61 52.62
CA ARG M 151 -14.54 -48.27 52.34
C ARG M 151 -14.68 -47.28 51.18
N THR M 152 -13.89 -46.22 51.18
CA THR M 152 -13.99 -45.23 50.11
C THR M 152 -13.50 -45.81 48.77
N MET M 153 -12.59 -46.79 48.82
CA MET M 153 -12.12 -47.43 47.61
C MET M 153 -13.30 -48.20 47.02
N GLN M 154 -13.99 -48.96 47.87
CA GLN M 154 -15.14 -49.72 47.47
C GLN M 154 -16.21 -48.76 46.95
N GLU M 155 -16.61 -47.79 47.77
CA GLU M 155 -17.64 -46.82 47.41
C GLU M 155 -17.39 -46.02 46.13
N ARG M 156 -16.43 -45.09 46.21
CA ARG M 156 -16.09 -44.21 45.11
C ARG M 156 -15.51 -44.85 43.85
N LEU M 157 -14.55 -45.73 44.03
CA LEU M 157 -13.87 -46.38 42.90
C LEU M 157 -14.37 -47.75 42.46
N GLY M 158 -15.25 -48.38 43.25
CA GLY M 158 -15.73 -49.71 42.90
C GLY M 158 -14.53 -50.63 42.69
N ALA M 159 -13.50 -50.43 43.52
CA ALA M 159 -12.27 -51.19 43.41
C ALA M 159 -12.26 -52.63 43.90
N ARG M 160 -13.19 -52.99 44.78
CA ARG M 160 -13.21 -54.31 45.35
C ARG M 160 -11.84 -54.61 45.97
N PRO M 161 -11.42 -53.77 46.94
CA PRO M 161 -10.14 -53.97 47.60
C PRO M 161 -10.10 -55.29 48.35
N VAL M 162 -8.91 -55.67 48.80
CA VAL M 162 -8.74 -56.88 49.57
C VAL M 162 -7.64 -56.65 50.60
N VAL M 163 -8.01 -56.79 51.87
CA VAL M 163 -7.11 -56.57 53.01
C VAL M 163 -5.98 -57.56 53.05
N MET M 164 -4.78 -57.05 52.76
CA MET M 164 -3.58 -57.86 52.71
C MET M 164 -2.85 -57.84 54.06
N GLN M 165 -3.23 -56.88 54.90
CA GLN M 165 -2.59 -56.76 56.20
C GLN M 165 -3.35 -55.81 57.11
N LEU M 166 -3.16 -56.02 58.43
CA LEU M 166 -3.78 -55.16 59.45
C LEU M 166 -2.60 -54.46 60.13
N PRO M 167 -2.81 -53.26 60.69
CA PRO M 167 -1.77 -52.47 61.38
C PRO M 167 -1.70 -52.81 62.87
N ILE M 168 -0.64 -52.38 63.52
CA ILE M 168 -0.43 -52.61 64.95
C ILE M 168 -0.14 -51.24 65.54
N GLY M 169 -1.06 -50.75 66.38
CA GLY M 169 -0.89 -49.41 66.93
C GLY M 169 -1.79 -48.56 66.08
N ARG M 170 -2.21 -47.37 66.53
CA ARG M 170 -3.12 -46.59 65.72
C ARG M 170 -2.60 -45.28 65.11
N GLU M 171 -2.00 -44.43 65.92
CA GLU M 171 -1.51 -43.19 65.38
C GLU M 171 -0.02 -43.12 65.59
N ASP M 172 0.42 -42.46 66.66
CA ASP M 172 1.82 -42.38 66.96
C ASP M 172 2.25 -43.74 67.51
N THR M 173 1.25 -44.56 67.87
CA THR M 173 1.52 -45.90 68.40
C THR M 173 1.53 -46.97 67.33
N PHE M 174 1.59 -46.55 66.08
CA PHE M 174 1.60 -47.49 64.96
C PHE M 174 2.99 -48.07 64.94
N SER M 175 3.11 -49.38 65.14
CA SER M 175 4.42 -49.99 65.21
C SER M 175 4.64 -51.27 64.41
N GLY M 176 3.58 -51.87 63.90
CA GLY M 176 3.80 -53.11 63.17
C GLY M 176 2.70 -53.44 62.17
N ILE M 177 3.04 -54.31 61.24
CA ILE M 177 2.10 -54.72 60.21
C ILE M 177 1.93 -56.22 60.22
N ILE M 178 0.68 -56.67 60.09
CA ILE M 178 0.38 -58.09 60.09
C ILE M 178 0.08 -58.55 58.67
N ASP M 179 0.88 -59.45 58.14
CA ASP M 179 0.66 -60.00 56.81
C ASP M 179 -0.47 -60.97 57.10
N VAL M 180 -1.65 -60.79 56.52
CA VAL M 180 -2.73 -61.72 56.81
C VAL M 180 -2.86 -62.90 55.85
N LEU M 181 -2.06 -62.91 54.77
CA LEU M 181 -2.06 -64.01 53.82
C LEU M 181 -1.14 -65.10 54.40
N ARG M 182 -0.04 -64.70 55.02
CA ARG M 182 0.90 -65.66 55.61
C ARG M 182 0.77 -65.75 57.12
N MET M 183 -0.11 -64.94 57.70
CA MET M 183 -0.30 -64.94 59.15
C MET M 183 1.02 -64.78 59.88
N LYS M 184 1.63 -63.61 59.72
CA LYS M 184 2.87 -63.32 60.40
C LYS M 184 2.85 -61.82 60.62
N ALA M 185 3.55 -61.35 61.65
CA ALA M 185 3.57 -59.92 61.93
C ALA M 185 4.97 -59.37 61.78
N TYR M 186 5.07 -58.05 61.81
CA TYR M 186 6.36 -57.37 61.71
C TYR M 186 6.32 -56.13 62.61
N THR M 187 7.34 -55.97 63.44
CA THR M 187 7.39 -54.83 64.32
C THR M 187 8.64 -54.02 63.95
N TYR M 188 8.59 -52.71 64.19
CA TYR M 188 9.68 -51.82 63.81
C TYR M 188 10.33 -51.10 64.99
N GLY M 189 11.57 -51.48 65.27
CA GLY M 189 12.33 -50.89 66.37
C GLY M 189 12.39 -49.39 66.36
N ASN M 190 12.48 -48.79 65.18
CA ASN M 190 12.57 -47.33 65.08
C ASN M 190 11.88 -46.78 63.85
N ASP M 191 11.95 -45.47 63.68
CA ASP M 191 11.34 -44.78 62.55
C ASP M 191 12.40 -44.67 61.45
N LEU M 192 13.42 -45.52 61.47
CA LEU M 192 14.48 -45.39 60.46
C LEU M 192 14.61 -46.53 59.46
N GLY M 193 13.72 -47.51 59.55
CA GLY M 193 13.77 -48.64 58.65
C GLY M 193 15.11 -49.37 58.78
N THR M 194 15.51 -49.57 60.02
CA THR M 194 16.78 -50.20 60.30
C THR M 194 16.70 -51.13 61.52
N ASP M 195 15.49 -51.61 61.78
CA ASP M 195 15.25 -52.54 62.90
C ASP M 195 13.89 -53.14 62.65
N ILE M 196 13.85 -54.16 61.79
CA ILE M 196 12.61 -54.85 61.45
C ILE M 196 12.67 -56.26 62.08
N ARG M 197 11.60 -56.66 62.78
CA ARG M 197 11.61 -57.98 63.40
C ARG M 197 10.31 -58.74 63.19
N GLU M 198 10.40 -59.92 62.61
CA GLU M 198 9.23 -60.73 62.37
C GLU M 198 8.71 -61.37 63.65
N ILE M 199 7.78 -60.71 64.32
CA ILE M 199 7.20 -61.26 65.55
C ILE M 199 5.89 -61.95 65.22
N PRO M 200 5.50 -62.95 66.02
CA PRO M 200 4.23 -63.61 65.68
C PRO M 200 3.07 -62.65 65.98
N ILE M 201 1.91 -62.87 65.33
CA ILE M 201 0.75 -62.01 65.56
C ILE M 201 0.39 -61.96 67.02
N PRO M 202 0.41 -60.75 67.62
CA PRO M 202 0.09 -60.56 69.03
C PRO M 202 -1.35 -61.01 69.30
N GLU M 203 -1.51 -61.89 70.28
CA GLU M 203 -2.83 -62.42 70.63
C GLU M 203 -3.97 -61.41 70.46
N GLU M 204 -3.69 -60.15 70.77
CA GLU M 204 -4.65 -59.06 70.72
C GLU M 204 -5.24 -58.70 69.35
N TYR M 205 -4.61 -59.17 68.26
CA TYR M 205 -5.09 -58.90 66.89
C TYR M 205 -5.26 -60.27 66.25
N LEU M 206 -4.90 -61.29 67.02
CA LEU M 206 -4.95 -62.66 66.57
C LEU M 206 -6.27 -63.05 65.93
N ASP M 207 -7.38 -62.67 66.54
CA ASP M 207 -8.67 -63.03 65.99
C ASP M 207 -8.98 -62.29 64.72
N GLN M 208 -8.63 -61.01 64.69
CA GLN M 208 -8.88 -60.19 63.51
C GLN M 208 -8.10 -60.70 62.32
N ALA M 209 -6.87 -61.13 62.56
CA ALA M 209 -6.04 -61.67 61.49
C ALA M 209 -6.74 -62.86 60.86
N ARG M 210 -7.16 -63.79 61.68
CA ARG M 210 -7.84 -64.99 61.20
C ARG M 210 -9.11 -64.63 60.47
N GLU M 211 -9.81 -63.59 60.91
CA GLU M 211 -11.04 -63.18 60.25
C GLU M 211 -10.72 -62.71 58.83
N TYR M 212 -9.67 -61.89 58.71
CA TYR M 212 -9.29 -61.39 57.40
C TYR M 212 -8.56 -62.41 56.57
N HIS M 213 -7.93 -63.38 57.23
CA HIS M 213 -7.22 -64.42 56.50
C HIS M 213 -8.23 -65.33 55.86
N GLU M 214 -9.31 -65.57 56.58
CA GLU M 214 -10.41 -66.41 56.08
C GLU M 214 -10.98 -65.64 54.88
N LYS M 215 -11.21 -64.35 55.07
CA LYS M 215 -11.75 -63.50 54.01
C LYS M 215 -10.84 -63.41 52.81
N LEU M 216 -9.54 -63.40 53.05
CA LEU M 216 -8.55 -63.33 51.98
C LEU M 216 -8.60 -64.62 51.18
N VAL M 217 -8.70 -65.74 51.90
CA VAL M 217 -8.76 -67.05 51.26
C VAL M 217 -9.99 -67.11 50.34
N GLU M 218 -11.09 -66.54 50.82
CA GLU M 218 -12.33 -66.52 50.06
C GLU M 218 -12.08 -65.88 48.69
N VAL M 219 -11.60 -64.64 48.70
CA VAL M 219 -11.29 -63.90 47.48
C VAL M 219 -10.40 -64.71 46.53
N ALA M 220 -9.39 -65.36 47.08
CA ALA M 220 -8.47 -66.17 46.29
C ALA M 220 -9.20 -67.35 45.66
N ALA M 221 -10.21 -67.87 46.35
CA ALA M 221 -10.96 -69.00 45.82
C ALA M 221 -11.71 -68.60 44.55
N ASP M 222 -11.93 -67.31 44.37
CA ASP M 222 -12.62 -66.85 43.17
C ASP M 222 -11.75 -66.92 41.93
N PHE M 223 -10.47 -67.29 42.10
CA PHE M 223 -9.57 -67.34 40.96
C PHE M 223 -8.83 -68.65 40.81
N ASP M 224 -9.22 -69.64 41.62
CA ASP M 224 -8.58 -70.93 41.58
C ASP M 224 -9.47 -72.00 42.18
N GLU M 225 -9.85 -72.97 41.37
CA GLU M 225 -10.71 -74.03 41.87
C GLU M 225 -9.99 -74.90 42.88
N ASN M 226 -8.69 -75.05 42.72
CA ASN M 226 -7.92 -75.86 43.65
C ASN M 226 -8.09 -75.25 45.04
N ILE M 227 -8.19 -73.93 45.09
CA ILE M 227 -8.37 -73.24 46.36
C ILE M 227 -9.83 -73.27 46.77
N MET M 228 -10.75 -73.05 45.82
CA MET M 228 -12.18 -73.09 46.13
C MET M 228 -12.51 -74.41 46.81
N LEU M 229 -11.99 -75.51 46.32
CA LEU M 229 -12.23 -76.83 46.91
C LEU M 229 -11.77 -76.82 48.36
N LYS M 230 -10.55 -76.38 48.60
CA LYS M 230 -9.99 -76.33 49.93
C LYS M 230 -10.80 -75.38 50.82
N TYR M 231 -11.12 -74.20 50.33
CA TYR M 231 -11.88 -73.23 51.11
C TYR M 231 -13.15 -73.87 51.65
N LEU M 232 -13.87 -74.54 50.74
CA LEU M 232 -15.10 -75.22 51.09
C LEU M 232 -14.79 -76.29 52.13
N GLU M 233 -13.72 -77.04 51.90
CA GLU M 233 -13.30 -78.10 52.80
C GLU M 233 -12.85 -77.57 54.19
N GLY M 234 -12.72 -76.24 54.29
CA GLY M 234 -12.27 -75.67 55.54
C GLY M 234 -10.76 -75.86 55.64
N GLU M 235 -10.19 -76.37 54.56
CA GLU M 235 -8.75 -76.63 54.44
C GLU M 235 -7.92 -75.35 54.27
N GLU M 236 -6.62 -75.46 54.52
CA GLU M 236 -5.73 -74.31 54.41
C GLU M 236 -4.85 -74.40 53.15
N PRO M 237 -5.05 -73.46 52.21
CA PRO M 237 -4.27 -73.47 50.97
C PRO M 237 -2.83 -73.03 51.20
N THR M 238 -1.97 -73.43 50.27
CA THR M 238 -0.54 -73.13 50.31
C THR M 238 -0.26 -71.64 50.04
N GLU M 239 0.72 -71.06 50.73
CA GLU M 239 1.02 -69.64 50.48
C GLU M 239 1.22 -69.39 48.97
N GLU M 240 1.99 -70.27 48.32
CA GLU M 240 2.24 -70.14 46.90
C GLU M 240 0.95 -70.15 46.10
N GLU M 241 -0.06 -70.86 46.61
CA GLU M 241 -1.35 -70.93 45.94
C GLU M 241 -2.08 -69.60 46.07
N LEU M 242 -2.20 -69.12 47.31
CA LEU M 242 -2.86 -67.85 47.58
C LEU M 242 -2.23 -66.71 46.80
N VAL M 243 -0.90 -66.60 46.92
CA VAL M 243 -0.14 -65.59 46.23
C VAL M 243 -0.36 -65.58 44.72
N ALA M 244 -0.54 -66.75 44.12
CA ALA M 244 -0.71 -66.82 42.69
C ALA M 244 -2.12 -66.43 42.25
N ALA M 245 -3.12 -66.77 43.05
CA ALA M 245 -4.49 -66.44 42.72
C ALA M 245 -4.73 -64.94 42.92
N ILE M 246 -4.18 -64.37 43.98
CA ILE M 246 -4.35 -62.95 44.23
C ILE M 246 -3.71 -62.20 43.07
N ARG M 247 -2.57 -62.73 42.61
CA ARG M 247 -1.87 -62.13 41.49
C ARG M 247 -2.75 -62.20 40.24
N LYS M 248 -3.24 -63.39 39.94
CA LYS M 248 -4.12 -63.59 38.81
C LYS M 248 -5.22 -62.53 38.87
N GLY M 249 -5.86 -62.41 40.03
CA GLY M 249 -6.91 -61.44 40.20
C GLY M 249 -6.50 -59.99 40.02
N THR M 250 -5.37 -59.61 40.64
CA THR M 250 -4.88 -58.25 40.55
C THR M 250 -4.58 -57.84 39.12
N ILE M 251 -4.03 -58.78 38.33
CA ILE M 251 -3.68 -58.54 36.94
C ILE M 251 -4.87 -58.63 36.00
N ASP M 252 -5.96 -59.21 36.47
CA ASP M 252 -7.16 -59.36 35.66
C ASP M 252 -8.08 -58.20 35.91
N LEU M 253 -7.62 -57.24 36.72
CA LEU M 253 -8.42 -56.06 37.02
C LEU M 253 -9.68 -56.44 37.79
N LYS M 254 -9.59 -57.47 38.64
CA LYS M 254 -10.75 -57.93 39.41
C LYS M 254 -10.66 -57.61 40.88
N ILE M 255 -9.45 -57.36 41.37
CA ILE M 255 -9.28 -57.03 42.79
C ILE M 255 -8.10 -56.07 42.95
N THR M 256 -7.97 -55.52 44.17
CA THR M 256 -6.89 -54.62 44.48
C THR M 256 -6.33 -54.90 45.86
N PRO M 257 -5.17 -55.55 45.92
CA PRO M 257 -4.55 -55.86 47.21
C PRO M 257 -4.28 -54.52 47.88
N VAL M 258 -4.49 -54.44 49.20
CA VAL M 258 -4.25 -53.19 49.90
C VAL M 258 -3.25 -53.39 51.02
N PHE M 259 -2.17 -52.63 50.97
CA PHE M 259 -1.14 -52.72 52.01
C PHE M 259 -1.08 -51.37 52.72
N LEU M 260 -0.51 -51.36 53.93
CA LEU M 260 -0.45 -50.10 54.64
C LEU M 260 0.94 -49.83 55.19
N GLY M 261 1.15 -48.62 55.70
CA GLY M 261 2.44 -48.28 56.24
C GLY M 261 2.60 -46.79 56.36
N SER M 262 3.82 -46.40 56.71
CA SER M 262 4.19 -45.02 56.85
C SER M 262 5.52 -44.88 56.10
N ALA M 263 5.48 -44.19 54.95
CA ALA M 263 6.67 -44.00 54.16
C ALA M 263 7.73 -43.23 54.96
N LEU M 264 7.34 -42.07 55.49
CA LEU M 264 8.28 -41.26 56.25
C LEU M 264 8.85 -41.96 57.49
N LYS M 265 8.05 -42.78 58.15
CA LYS M 265 8.55 -43.46 59.34
C LYS M 265 9.10 -44.84 59.06
N ASN M 266 9.51 -45.06 57.81
CA ASN M 266 10.08 -46.33 57.40
C ASN M 266 9.39 -47.60 57.90
N LYS M 267 8.08 -47.68 57.67
CA LYS M 267 7.31 -48.86 58.09
C LYS M 267 6.46 -49.38 56.95
N GLY M 268 6.61 -50.66 56.64
CA GLY M 268 5.82 -51.26 55.58
C GLY M 268 6.34 -51.16 54.16
N VAL M 269 7.38 -50.35 53.91
CA VAL M 269 7.90 -50.21 52.54
C VAL M 269 8.50 -51.51 52.00
N GLN M 270 9.26 -52.25 52.82
CA GLN M 270 9.85 -53.51 52.39
C GLN M 270 8.72 -54.48 52.06
N LEU M 271 7.63 -54.40 52.81
CA LEU M 271 6.47 -55.24 52.61
C LEU M 271 5.76 -54.82 51.31
N LEU M 272 5.88 -53.55 50.95
CA LEU M 272 5.29 -53.05 49.72
C LEU M 272 6.15 -53.55 48.55
N LEU M 273 7.46 -53.52 48.71
CA LEU M 273 8.37 -54.00 47.69
C LEU M 273 8.04 -55.46 47.38
N ASP M 274 7.68 -56.19 48.41
CA ASP M 274 7.31 -57.60 48.24
C ASP M 274 6.00 -57.73 47.47
N ALA M 275 5.08 -56.80 47.69
CA ALA M 275 3.81 -56.88 46.99
C ALA M 275 4.03 -56.66 45.51
N VAL M 276 4.88 -55.71 45.18
CA VAL M 276 5.19 -55.42 43.78
C VAL M 276 5.55 -56.69 43.04
N VAL M 277 6.53 -57.42 43.55
CA VAL M 277 6.97 -58.66 42.91
C VAL M 277 5.89 -59.75 42.98
N ASP M 278 5.21 -59.84 44.11
CA ASP M 278 4.18 -60.86 44.26
C ASP M 278 2.97 -60.65 43.36
N TYR M 279 2.51 -59.40 43.26
CA TYR M 279 1.29 -59.18 42.50
C TYR M 279 1.30 -58.31 41.29
N LEU M 280 2.28 -57.40 41.17
CA LEU M 280 2.37 -56.54 40.00
C LEU M 280 2.96 -57.31 38.79
N PRO M 281 2.39 -57.06 37.60
CA PRO M 281 2.75 -57.65 36.30
C PRO M 281 4.12 -57.43 35.69
N SER M 282 4.57 -58.39 34.89
CA SER M 282 5.84 -58.32 34.18
C SER M 282 5.37 -58.03 32.75
N PRO M 283 6.29 -57.67 31.85
CA PRO M 283 5.88 -57.38 30.48
C PRO M 283 5.12 -58.55 29.79
N LEU M 284 4.97 -59.67 30.49
CA LEU M 284 4.30 -60.83 29.94
C LEU M 284 2.88 -61.04 30.47
N ASP M 285 2.55 -60.42 31.60
CA ASP M 285 1.24 -60.60 32.20
C ASP M 285 0.14 -59.73 31.66
N ILE M 286 0.51 -58.63 31.04
CA ILE M 286 -0.44 -57.68 30.50
C ILE M 286 -0.56 -57.84 28.97
N PRO M 287 -1.69 -57.43 28.40
CA PRO M 287 -1.83 -57.56 26.94
C PRO M 287 -0.82 -56.64 26.24
N PRO M 288 -0.33 -57.05 25.07
CA PRO M 288 0.65 -56.20 24.37
C PRO M 288 0.17 -54.80 24.05
N ILE M 289 1.12 -53.86 23.95
CA ILE M 289 0.77 -52.48 23.59
C ILE M 289 0.28 -52.59 22.15
N LYS M 290 -0.49 -51.63 21.68
CA LYS M 290 -0.97 -51.71 20.32
C LYS M 290 -0.52 -50.49 19.53
N GLY M 291 -0.11 -50.71 18.28
CA GLY M 291 0.34 -49.60 17.48
C GLY M 291 -0.28 -49.61 16.08
N THR M 292 -0.19 -48.46 15.40
CA THR M 292 -0.74 -48.37 14.05
C THR M 292 0.38 -48.25 13.01
N THR M 293 0.22 -48.95 11.88
CA THR M 293 1.18 -48.93 10.80
C THR M 293 0.84 -47.76 9.86
N PRO M 294 1.73 -47.42 8.94
CA PRO M 294 1.31 -46.31 8.08
C PRO M 294 0.07 -46.61 7.26
N GLU M 295 -0.26 -47.90 7.11
CA GLU M 295 -1.44 -48.28 6.36
C GLU M 295 -2.74 -48.11 7.19
N GLY M 296 -2.62 -47.48 8.37
CA GLY M 296 -3.77 -47.26 9.22
C GLY M 296 -4.22 -48.52 9.95
N GLU M 297 -3.47 -49.60 9.75
CA GLU M 297 -3.74 -50.90 10.36
C GLU M 297 -3.24 -51.03 11.79
N VAL M 298 -4.15 -51.21 12.74
CA VAL M 298 -3.77 -51.38 14.15
C VAL M 298 -3.01 -52.69 14.30
N VAL M 299 -2.06 -52.69 15.23
CA VAL M 299 -1.26 -53.89 15.43
C VAL M 299 -0.84 -54.12 16.86
N GLU M 300 -0.79 -55.38 17.23
CA GLU M 300 -0.40 -55.79 18.56
C GLU M 300 1.10 -56.01 18.57
N ILE M 301 1.80 -55.16 19.29
CA ILE M 301 3.25 -55.26 19.40
C ILE M 301 3.55 -56.19 20.57
N HIS M 302 4.11 -57.34 20.29
CA HIS M 302 4.42 -58.34 21.31
C HIS M 302 5.81 -58.18 21.93
N PRO M 303 5.91 -58.39 23.25
CA PRO M 303 7.14 -58.30 24.04
C PRO M 303 8.14 -59.38 23.69
N ASP M 304 8.59 -59.42 22.45
CA ASP M 304 9.57 -60.41 22.03
C ASP M 304 10.95 -59.81 21.83
N PRO M 305 11.82 -59.98 22.85
CA PRO M 305 13.19 -59.47 22.81
C PRO M 305 13.94 -59.71 21.52
N ASN M 306 13.65 -60.85 20.87
CA ASN M 306 14.34 -61.19 19.62
C ASN M 306 13.52 -60.79 18.39
N GLY M 307 12.44 -60.05 18.63
CA GLY M 307 11.61 -59.62 17.52
C GLY M 307 12.10 -58.29 17.05
N PRO M 308 11.39 -57.63 16.12
CA PRO M 308 11.80 -56.33 15.63
C PRO M 308 11.58 -55.23 16.69
N LEU M 309 12.57 -54.35 16.81
CA LEU M 309 12.51 -53.26 17.77
C LEU M 309 11.32 -52.32 17.61
N ALA M 310 10.75 -51.89 18.73
CA ALA M 310 9.62 -50.96 18.78
C ALA M 310 9.71 -50.30 20.16
N ALA M 311 9.95 -49.00 20.17
CA ALA M 311 10.09 -48.30 21.44
C ALA M 311 9.46 -46.94 21.40
N LEU M 312 9.14 -46.42 22.57
CA LEU M 312 8.52 -45.12 22.64
C LEU M 312 9.43 -44.23 23.46
N ALA M 313 9.57 -42.99 23.01
CA ALA M 313 10.36 -42.00 23.75
C ALA M 313 9.25 -41.23 24.50
N PHE M 314 9.28 -41.26 25.82
CA PHE M 314 8.26 -40.60 26.60
C PHE M 314 8.64 -39.40 27.48
N LYS M 315 9.94 -39.19 27.66
CA LYS M 315 10.43 -38.08 28.49
C LYS M 315 11.80 -37.62 28.01
N ILE M 316 11.86 -36.41 27.43
CA ILE M 316 13.11 -35.86 26.95
C ILE M 316 13.67 -34.98 28.06
N MET M 317 14.73 -35.44 28.71
CA MET M 317 15.32 -34.66 29.78
C MET M 317 16.67 -34.14 29.36
N ALA M 318 17.12 -33.05 29.97
CA ALA M 318 18.41 -32.49 29.66
C ALA M 318 19.33 -32.57 30.87
N ASP M 319 20.02 -33.70 30.98
CA ASP M 319 20.95 -33.94 32.08
C ASP M 319 22.17 -33.03 31.96
N PRO M 320 22.65 -32.51 33.09
CA PRO M 320 23.81 -31.62 33.12
C PRO M 320 24.98 -32.15 32.28
N TYR M 321 25.45 -33.34 32.59
CA TYR M 321 26.54 -33.92 31.81
C TYR M 321 26.11 -35.00 30.85
N VAL M 322 26.08 -34.63 29.57
CA VAL M 322 25.71 -35.42 28.37
C VAL M 322 24.61 -34.77 27.56
N GLY M 323 24.07 -33.65 28.07
CA GLY M 323 23.05 -32.93 27.37
C GLY M 323 21.64 -33.46 27.55
N ARG M 324 21.00 -33.81 26.44
CA ARG M 324 19.64 -34.30 26.47
C ARG M 324 19.53 -35.82 26.45
N LEU M 325 18.96 -36.35 27.52
CA LEU M 325 18.72 -37.77 27.63
C LEU M 325 17.28 -37.95 27.19
N THR M 326 17.05 -38.78 26.19
CA THR M 326 15.69 -39.04 25.74
C THR M 326 15.34 -40.44 26.28
N PHE M 327 14.43 -40.47 27.24
CA PHE M 327 14.01 -41.73 27.88
C PHE M 327 13.08 -42.55 27.02
N ILE M 328 13.34 -43.85 26.89
CA ILE M 328 12.47 -44.69 26.06
C ILE M 328 12.02 -46.00 26.70
N ARG M 329 10.84 -46.44 26.31
CA ARG M 329 10.31 -47.71 26.78
C ARG M 329 10.45 -48.64 25.59
N VAL M 330 11.12 -49.76 25.78
CA VAL M 330 11.25 -50.71 24.68
C VAL M 330 10.06 -51.66 24.83
N TYR M 331 9.32 -51.89 23.74
CA TYR M 331 8.16 -52.78 23.83
C TYR M 331 8.53 -54.16 23.29
N SER M 332 9.26 -54.19 22.19
CA SER M 332 9.68 -55.46 21.59
C SER M 332 11.03 -55.26 20.97
N GLY M 333 11.70 -56.36 20.64
CA GLY M 333 13.00 -56.27 20.02
C GLY M 333 14.07 -55.76 20.97
N THR M 334 15.15 -55.25 20.40
CA THR M 334 16.26 -54.74 21.20
C THR M 334 16.83 -53.40 20.76
N LEU M 335 17.17 -52.55 21.72
CA LEU M 335 17.76 -51.28 21.41
C LEU M 335 19.22 -51.46 21.75
N THR M 336 20.08 -51.29 20.76
CA THR M 336 21.52 -51.44 20.96
C THR M 336 22.27 -50.11 21.05
N SER M 337 23.31 -50.09 21.87
CA SER M 337 24.15 -48.94 22.08
C SER M 337 24.96 -48.71 20.80
N GLY M 338 25.23 -47.46 20.47
CA GLY M 338 25.98 -47.19 19.25
C GLY M 338 25.38 -47.93 18.08
N SER M 339 24.26 -47.41 17.57
CA SER M 339 23.56 -48.00 16.44
C SER M 339 22.60 -46.99 15.81
N TYR M 340 21.79 -47.45 14.88
CA TYR M 340 20.84 -46.58 14.23
C TYR M 340 19.44 -47.17 14.38
N VAL M 341 18.52 -46.33 14.80
CA VAL M 341 17.11 -46.72 14.97
C VAL M 341 16.37 -45.81 14.00
N TYR M 342 15.20 -46.22 13.54
CA TYR M 342 14.44 -45.39 12.61
C TYR M 342 13.28 -44.66 13.31
N ASN M 343 13.19 -43.36 13.09
CA ASN M 343 12.12 -42.59 13.71
C ASN M 343 10.93 -42.54 12.77
N THR M 344 9.95 -43.41 13.01
CA THR M 344 8.76 -43.48 12.17
C THR M 344 7.84 -42.28 12.34
N THR M 345 7.92 -41.63 13.49
CA THR M 345 7.09 -40.45 13.74
C THR M 345 7.69 -39.29 12.96
N LYS M 346 8.59 -39.60 12.04
CA LYS M 346 9.26 -38.60 11.22
C LYS M 346 9.78 -39.15 9.88
N GLY M 347 10.93 -39.82 9.91
CA GLY M 347 11.44 -40.41 8.69
C GLY M 347 12.91 -40.24 8.47
N ARG M 348 13.69 -40.33 9.54
CA ARG M 348 15.13 -40.23 9.41
C ARG M 348 15.72 -41.21 10.37
N LYS M 349 16.94 -41.65 10.07
CA LYS M 349 17.66 -42.61 10.89
C LYS M 349 18.22 -41.79 12.04
N GLU M 350 17.98 -42.22 13.28
CA GLU M 350 18.53 -41.51 14.43
C GLU M 350 19.68 -42.35 14.96
N ARG M 351 20.66 -41.71 15.60
CA ARG M 351 21.81 -42.43 16.13
C ARG M 351 21.83 -42.57 17.64
N VAL M 352 21.60 -43.78 18.14
CA VAL M 352 21.64 -44.00 19.59
C VAL M 352 23.10 -44.19 19.96
N ALA M 353 23.65 -43.19 20.64
CA ALA M 353 25.04 -43.21 21.05
C ALA M 353 25.21 -44.18 22.19
N ARG M 354 24.91 -43.74 23.41
CA ARG M 354 25.07 -44.60 24.57
C ARG M 354 23.74 -44.79 25.25
N LEU M 355 23.59 -45.90 25.95
CA LEU M 355 22.36 -46.21 26.68
C LEU M 355 22.72 -46.26 28.16
N LEU M 356 21.89 -45.65 28.99
CA LEU M 356 22.15 -45.64 30.42
C LEU M 356 20.91 -45.99 31.21
N ARG M 357 21.11 -46.54 32.39
CA ARG M 357 20.01 -46.85 33.28
C ARG M 357 20.31 -45.90 34.42
N MET M 358 19.29 -45.15 34.86
CA MET M 358 19.52 -44.22 35.97
C MET M 358 19.21 -44.95 37.27
N HIS M 359 20.20 -45.05 38.16
CA HIS M 359 19.95 -45.69 39.45
C HIS M 359 19.63 -44.62 40.48
N ALA M 360 19.49 -45.00 41.74
CA ALA M 360 19.17 -44.02 42.77
C ALA M 360 20.25 -42.96 42.94
N ASN M 361 21.51 -43.37 43.00
CA ASN M 361 22.60 -42.43 43.20
C ASN M 361 23.69 -42.47 42.14
N HIS M 362 23.38 -42.88 40.92
CA HIS M 362 24.39 -42.93 39.87
C HIS M 362 23.84 -43.45 38.54
N ARG M 363 24.56 -43.15 37.46
CA ARG M 363 24.19 -43.57 36.11
C ARG M 363 24.97 -44.82 35.74
N GLU M 364 24.40 -45.66 34.90
CA GLU M 364 25.07 -46.89 34.48
C GLU M 364 24.97 -47.09 32.99
N GLU M 365 26.11 -47.12 32.31
CA GLU M 365 26.09 -47.33 30.86
C GLU M 365 25.80 -48.80 30.60
N VAL M 366 24.88 -49.08 29.69
CA VAL M 366 24.53 -50.44 29.32
C VAL M 366 24.72 -50.70 27.84
N GLU M 367 24.95 -51.95 27.46
CA GLU M 367 25.17 -52.29 26.07
C GLU M 367 23.88 -52.43 25.24
N GLU M 368 22.73 -52.55 25.89
CA GLU M 368 21.49 -52.73 25.17
C GLU M 368 20.30 -52.78 26.13
N LEU M 369 19.11 -52.51 25.56
CA LEU M 369 17.86 -52.54 26.33
C LEU M 369 16.92 -53.38 25.50
N LYS M 370 16.35 -54.44 26.09
CA LYS M 370 15.44 -55.31 25.36
C LYS M 370 13.95 -55.10 25.69
N ALA M 371 13.09 -55.83 25.00
CA ALA M 371 11.62 -55.74 25.19
C ALA M 371 11.23 -55.72 26.66
N GLY M 372 10.28 -54.85 26.99
CA GLY M 372 9.85 -54.75 28.37
C GLY M 372 10.75 -53.91 29.25
N ASP M 373 11.88 -53.43 28.72
CA ASP M 373 12.79 -52.63 29.53
C ASP M 373 12.77 -51.14 29.23
N LEU M 374 13.37 -50.37 30.11
CA LEU M 374 13.43 -48.93 30.00
C LEU M 374 14.78 -48.36 30.37
N GLY M 375 15.10 -47.23 29.75
CA GLY M 375 16.35 -46.57 30.00
C GLY M 375 16.39 -45.24 29.30
N ALA M 376 17.55 -44.60 29.31
CA ALA M 376 17.76 -43.32 28.69
C ALA M 376 18.82 -43.47 27.61
N VAL M 377 18.50 -43.02 26.40
CA VAL M 377 19.48 -43.09 25.33
C VAL M 377 20.09 -41.70 25.17
N VAL M 378 21.40 -41.66 24.92
CA VAL M 378 22.10 -40.41 24.73
C VAL M 378 22.18 -40.24 23.22
N GLY M 379 22.07 -38.99 22.77
CA GLY M 379 22.09 -38.74 21.34
C GLY M 379 20.63 -38.54 20.94
N LEU M 380 20.29 -38.86 19.69
CA LEU M 380 18.93 -38.67 19.24
C LEU M 380 18.58 -37.19 19.38
N LYS M 381 18.95 -36.40 18.39
CA LYS M 381 18.72 -34.97 18.47
C LYS M 381 17.43 -34.51 17.78
N GLU M 382 16.94 -35.31 16.86
CA GLU M 382 15.71 -34.96 16.15
C GLU M 382 14.50 -35.72 16.67
N THR M 383 14.67 -36.44 17.77
CA THR M 383 13.59 -37.21 18.37
C THR M 383 13.02 -36.48 19.57
N ILE M 384 11.71 -36.28 19.57
CA ILE M 384 11.04 -35.60 20.67
C ILE M 384 10.05 -36.51 21.37
N THR M 385 9.83 -36.22 22.63
CA THR M 385 8.93 -37.02 23.46
C THR M 385 7.61 -37.36 22.75
N GLY M 386 7.31 -38.65 22.71
CA GLY M 386 6.09 -39.13 22.08
C GLY M 386 6.31 -39.89 20.80
N ASP M 387 7.46 -39.69 20.18
CA ASP M 387 7.81 -40.36 18.94
C ASP M 387 8.08 -41.86 19.16
N THR M 388 8.07 -42.60 18.07
CA THR M 388 8.31 -44.02 18.09
C THR M 388 9.61 -44.32 17.34
N LEU M 389 10.42 -45.21 17.92
CA LEU M 389 11.67 -45.61 17.29
C LEU M 389 11.52 -47.10 16.96
N VAL M 390 11.97 -47.52 15.78
CA VAL M 390 11.85 -48.93 15.42
C VAL M 390 13.14 -49.52 14.84
N GLY M 391 13.12 -50.83 14.66
CA GLY M 391 14.29 -51.55 14.19
C GLY M 391 15.03 -51.12 12.94
N GLU M 392 14.55 -50.11 12.23
CA GLU M 392 15.22 -49.67 10.99
C GLU M 392 14.99 -50.71 9.88
N ASP M 393 14.74 -51.96 10.29
CA ASP M 393 14.46 -53.05 9.38
C ASP M 393 13.22 -53.73 9.97
N ALA M 394 12.41 -52.91 10.60
CA ALA M 394 11.21 -53.38 11.24
C ALA M 394 10.00 -52.58 10.81
N PRO M 395 8.78 -53.09 11.08
CA PRO M 395 7.58 -52.38 10.71
C PRO M 395 7.60 -50.96 11.27
N ARG M 396 7.13 -50.01 10.47
CA ARG M 396 7.10 -48.62 10.88
C ARG M 396 5.83 -48.27 11.64
N VAL M 397 5.68 -48.82 12.83
CA VAL M 397 4.51 -48.56 13.65
C VAL M 397 4.69 -47.29 14.44
N ILE M 398 3.57 -46.68 14.84
CA ILE M 398 3.60 -45.49 15.65
C ILE M 398 2.74 -45.79 16.86
N LEU M 399 3.34 -45.65 18.05
CA LEU M 399 2.63 -45.88 19.28
C LEU M 399 1.67 -44.71 19.62
N GLU M 400 1.97 -43.53 19.07
CA GLU M 400 1.13 -42.36 19.30
C GLU M 400 0.71 -41.73 18.00
N SER M 401 -7.35 -41.08 31.23
CA SER M 401 -8.43 -40.57 30.40
C SER M 401 -7.82 -39.84 29.21
N ILE M 402 -8.50 -39.87 28.07
CA ILE M 402 -8.00 -39.20 26.89
C ILE M 402 -8.39 -37.73 26.86
N GLU M 403 -9.48 -37.39 27.55
CA GLU M 403 -9.98 -36.03 27.62
C GLU M 403 -8.89 -34.96 27.75
N VAL M 404 -9.21 -33.74 27.33
CA VAL M 404 -8.26 -32.63 27.38
C VAL M 404 -8.73 -31.54 28.33
N PRO M 405 -7.79 -30.95 29.10
CA PRO M 405 -8.08 -29.89 30.07
C PRO M 405 -8.50 -28.58 29.42
N GLU M 406 -9.82 -28.37 29.34
CA GLU M 406 -10.37 -27.15 28.77
C GLU M 406 -9.68 -25.99 29.48
N PRO M 407 -8.93 -25.18 28.73
CA PRO M 407 -8.22 -24.04 29.33
C PRO M 407 -9.19 -23.14 30.11
N VAL M 408 -9.04 -23.08 31.42
CA VAL M 408 -9.92 -22.28 32.26
C VAL M 408 -9.25 -21.08 32.94
N ILE M 409 -7.98 -20.86 32.67
CA ILE M 409 -7.27 -19.74 33.27
C ILE M 409 -6.36 -19.05 32.26
N ASP M 410 -6.60 -17.76 32.06
CA ASP M 410 -5.83 -16.98 31.09
C ASP M 410 -4.88 -16.03 31.80
N VAL M 411 -3.65 -15.98 31.33
CA VAL M 411 -2.62 -15.11 31.89
C VAL M 411 -1.87 -14.42 30.76
N ALA M 412 -1.94 -13.10 30.72
CA ALA M 412 -1.27 -12.33 29.68
C ALA M 412 0.21 -12.15 30.00
N ILE M 413 1.04 -12.26 28.97
CA ILE M 413 2.48 -12.09 29.14
C ILE M 413 3.00 -11.07 28.13
N GLU M 414 3.96 -10.26 28.55
CA GLU M 414 4.54 -9.25 27.67
C GLU M 414 6.06 -9.23 27.76
N PRO M 415 6.75 -9.86 26.79
CA PRO M 415 8.21 -9.86 26.84
C PRO M 415 8.68 -8.40 26.93
N LYS M 416 9.83 -8.17 27.53
CA LYS M 416 10.33 -6.81 27.74
C LYS M 416 11.24 -6.17 26.69
N THR M 417 11.72 -6.93 25.70
CA THR M 417 12.64 -6.33 24.74
C THR M 417 12.70 -6.89 23.31
N LYS M 418 11.64 -7.52 22.85
CA LYS M 418 11.66 -8.12 21.50
C LYS M 418 12.67 -9.25 21.46
N ALA M 419 13.81 -9.06 22.11
CA ALA M 419 14.83 -10.09 22.17
C ALA M 419 14.23 -11.16 23.09
N ASP M 420 13.55 -10.70 24.13
CA ASP M 420 12.87 -11.58 25.07
C ASP M 420 11.61 -12.09 24.41
N GLN M 421 11.07 -11.29 23.50
CA GLN M 421 9.87 -11.63 22.75
C GLN M 421 10.23 -12.76 21.80
N GLU M 422 11.39 -12.59 21.15
CA GLU M 422 11.91 -13.56 20.20
C GLU M 422 12.09 -14.93 20.84
N LYS M 423 12.79 -15.00 21.97
CA LYS M 423 13.03 -16.26 22.65
C LYS M 423 11.84 -16.70 23.50
N LEU M 424 10.78 -15.91 23.51
CA LEU M 424 9.59 -16.25 24.27
C LEU M 424 8.72 -17.21 23.47
N SER M 425 8.24 -16.76 22.33
CA SER M 425 7.39 -17.60 21.49
C SER M 425 8.14 -18.87 21.13
N GLN M 426 9.47 -18.80 21.19
CA GLN M 426 10.30 -19.96 20.90
C GLN M 426 10.16 -20.93 22.06
N ALA M 427 10.48 -20.44 23.26
CA ALA M 427 10.39 -21.26 24.46
C ALA M 427 9.01 -21.91 24.52
N LEU M 428 8.01 -21.21 24.00
CA LEU M 428 6.64 -21.71 23.99
C LEU M 428 6.50 -22.88 23.02
N ALA M 429 6.88 -22.66 21.77
CA ALA M 429 6.81 -23.72 20.77
C ALA M 429 7.43 -24.98 21.37
N ARG M 430 8.65 -24.83 21.90
CA ARG M 430 9.36 -25.96 22.51
C ARG M 430 8.59 -26.57 23.67
N LEU M 431 8.36 -25.77 24.70
CA LEU M 431 7.64 -26.22 25.90
C LEU M 431 6.24 -26.74 25.57
N ALA M 432 5.67 -26.25 24.47
CA ALA M 432 4.32 -26.66 24.04
C ALA M 432 4.21 -28.13 23.67
N GLU M 433 5.29 -28.69 23.14
CA GLU M 433 5.31 -30.10 22.74
C GLU M 433 5.40 -31.05 23.93
N GLU M 434 6.26 -30.72 24.89
CA GLU M 434 6.45 -31.53 26.10
C GLU M 434 5.13 -31.63 26.89
N ASP M 435 4.33 -30.57 26.82
CA ASP M 435 3.04 -30.50 27.52
C ASP M 435 2.04 -29.71 26.66
N PRO M 436 1.00 -30.38 26.14
CA PRO M 436 -0.01 -29.72 25.31
C PRO M 436 -1.30 -29.35 26.05
N THR M 437 -1.30 -29.49 27.37
CA THR M 437 -2.49 -29.17 28.15
C THR M 437 -2.70 -27.68 28.35
N PHE M 438 -2.06 -26.87 27.51
CA PHE M 438 -2.22 -25.43 27.58
C PHE M 438 -2.18 -24.82 26.18
N ARG M 439 -2.90 -23.72 26.00
CA ARG M 439 -2.97 -23.09 24.69
C ARG M 439 -2.54 -21.62 24.74
N VAL M 440 -1.97 -21.14 23.65
CA VAL M 440 -1.52 -19.74 23.54
C VAL M 440 -2.29 -19.02 22.44
N SER M 441 -2.55 -17.74 22.64
CA SER M 441 -3.30 -16.93 21.69
C SER M 441 -2.90 -15.47 21.80
N THR M 442 -3.20 -14.70 20.76
CA THR M 442 -2.91 -13.26 20.72
C THR M 442 -4.22 -12.55 21.01
N HIS M 443 -4.37 -12.03 22.22
CA HIS M 443 -5.59 -11.35 22.60
C HIS M 443 -6.08 -10.41 21.50
N PRO M 444 -7.36 -10.53 21.11
CA PRO M 444 -7.97 -9.70 20.07
C PRO M 444 -7.47 -8.26 19.98
N GLU M 445 -8.02 -7.37 20.81
CA GLU M 445 -7.64 -5.95 20.79
C GLU M 445 -6.22 -5.67 21.26
N THR M 446 -5.91 -6.03 22.50
CA THR M 446 -4.59 -5.81 23.09
C THR M 446 -3.43 -6.37 22.28
N GLY M 447 -3.68 -7.45 21.55
CA GLY M 447 -2.62 -8.06 20.76
C GLY M 447 -1.66 -8.82 21.64
N GLN M 448 -1.91 -8.77 22.94
CA GLN M 448 -1.08 -9.47 23.92
C GLN M 448 -1.06 -10.96 23.71
N THR M 449 -0.06 -11.59 24.30
CA THR M 449 0.07 -13.03 24.21
C THR M 449 -0.66 -13.60 25.40
N ILE M 450 -1.54 -14.57 25.15
CA ILE M 450 -2.30 -15.16 26.22
C ILE M 450 -2.10 -16.66 26.35
N ILE M 451 -1.46 -17.04 27.45
CA ILE M 451 -1.22 -18.44 27.74
C ILE M 451 -2.41 -18.83 28.60
N SER M 452 -2.98 -19.99 28.33
CA SER M 452 -4.13 -20.47 29.10
C SER M 452 -3.83 -21.88 29.61
N GLY M 453 -4.20 -22.14 30.86
CA GLY M 453 -3.94 -23.45 31.43
C GLY M 453 -5.15 -24.06 32.12
N MET M 454 -4.88 -24.98 33.05
CA MET M 454 -5.94 -25.67 33.78
C MET M 454 -6.26 -25.01 35.12
N GLY M 455 -5.38 -24.11 35.54
CA GLY M 455 -5.58 -23.44 36.80
C GLY M 455 -4.40 -22.55 37.09
N GLU M 456 -4.55 -21.68 38.09
CA GLU M 456 -3.49 -20.76 38.45
C GLU M 456 -2.13 -21.44 38.60
N LEU M 457 -2.12 -22.61 39.23
CA LEU M 457 -0.89 -23.34 39.46
C LEU M 457 -0.21 -23.75 38.15
N HIS M 458 -0.97 -24.40 37.28
CA HIS M 458 -0.45 -24.81 35.98
C HIS M 458 0.30 -23.62 35.40
N LEU M 459 -0.40 -22.50 35.24
CA LEU M 459 0.19 -21.28 34.70
C LEU M 459 1.42 -20.80 35.47
N GLU M 460 1.40 -20.99 36.79
CA GLU M 460 2.50 -20.56 37.63
C GLU M 460 3.79 -21.28 37.29
N ILE M 461 3.75 -22.61 37.20
CA ILE M 461 4.95 -23.36 36.87
C ILE M 461 5.40 -23.03 35.45
N ILE M 462 4.44 -22.85 34.54
CA ILE M 462 4.78 -22.52 33.16
C ILE M 462 5.51 -21.18 33.12
N VAL M 463 4.84 -20.15 33.61
CA VAL M 463 5.44 -18.81 33.64
C VAL M 463 6.85 -18.89 34.23
N ASP M 464 6.95 -19.48 35.42
CA ASP M 464 8.24 -19.62 36.07
C ASP M 464 9.22 -20.27 35.10
N ARG M 465 8.84 -21.44 34.64
CA ARG M 465 9.65 -22.21 33.72
C ARG M 465 10.20 -21.36 32.58
N LEU M 466 9.43 -20.37 32.15
CA LEU M 466 9.85 -19.50 31.06
C LEU M 466 10.91 -18.47 31.42
N LYS M 467 10.84 -17.93 32.62
CA LYS M 467 11.82 -16.94 33.05
C LYS M 467 13.12 -17.62 33.48
N ARG M 468 13.02 -18.85 33.96
CA ARG M 468 14.18 -19.60 34.40
C ARG M 468 14.79 -20.42 33.28
N GLU M 469 14.30 -21.63 33.08
CA GLU M 469 14.82 -22.50 32.03
C GLU M 469 15.03 -21.77 30.70
N PHE M 470 14.19 -20.77 30.42
CA PHE M 470 14.27 -20.01 29.17
C PHE M 470 14.71 -18.55 29.33
N LYS M 471 14.95 -18.14 30.56
CA LYS M 471 15.39 -16.77 30.85
C LYS M 471 14.70 -15.70 29.99
N VAL M 472 13.37 -15.79 29.91
CA VAL M 472 12.58 -14.84 29.16
C VAL M 472 11.87 -13.95 30.18
N ASP M 473 12.27 -12.69 30.31
CA ASP M 473 11.60 -11.84 31.28
C ASP M 473 10.55 -10.92 30.66
N ALA M 474 9.33 -11.08 31.15
CA ALA M 474 8.17 -10.32 30.68
C ALA M 474 7.31 -9.88 31.85
N ASN M 475 6.26 -9.12 31.55
CA ASN M 475 5.34 -8.66 32.57
C ASN M 475 4.18 -9.66 32.50
N VAL M 476 3.93 -10.36 33.60
CA VAL M 476 2.86 -11.35 33.64
C VAL M 476 1.62 -10.83 34.36
N GLY M 477 0.49 -10.85 33.66
CA GLY M 477 -0.75 -10.38 34.26
C GLY M 477 -1.38 -11.36 35.23
N LYS M 478 -2.32 -10.88 36.02
CA LYS M 478 -3.01 -11.72 37.01
C LYS M 478 -3.92 -12.74 36.32
N PRO M 479 -3.93 -13.98 36.81
CA PRO M 479 -4.75 -15.05 36.24
C PRO M 479 -6.25 -14.78 36.37
N GLN M 480 -6.99 -15.16 35.34
CA GLN M 480 -8.44 -14.96 35.29
C GLN M 480 -9.12 -16.21 34.70
N VAL M 481 -10.42 -16.31 34.91
CA VAL M 481 -11.17 -17.45 34.41
C VAL M 481 -11.62 -17.24 32.97
N ALA M 482 -11.32 -18.24 32.16
CA ALA M 482 -11.63 -18.23 30.74
C ALA M 482 -13.11 -18.29 30.43
N TYR M 483 -13.84 -17.23 30.74
CA TYR M 483 -15.27 -17.15 30.45
C TYR M 483 -15.48 -17.28 28.96
N ARG M 484 -16.71 -17.60 28.56
CA ARG M 484 -17.06 -17.72 27.15
C ARG M 484 -18.46 -17.11 27.03
N GLU M 485 -18.84 -16.69 25.83
CA GLU M 485 -20.16 -16.10 25.63
C GLU M 485 -20.96 -16.91 24.62
N THR M 486 -23.25 -3.89 16.32
CA THR M 486 -24.39 -3.96 15.41
C THR M 486 -25.47 -2.92 15.81
N ILE M 487 -26.26 -2.46 14.85
CA ILE M 487 -27.29 -1.47 15.15
C ILE M 487 -28.55 -2.17 15.61
N THR M 488 -29.49 -1.44 16.18
CA THR M 488 -30.73 -2.05 16.67
C THR M 488 -31.99 -1.32 16.20
N LYS M 489 -31.89 -0.56 15.12
CA LYS M 489 -33.01 0.16 14.53
C LYS M 489 -32.61 0.57 13.11
N PRO M 490 -33.56 0.56 12.17
CA PRO M 490 -33.25 0.93 10.79
C PRO M 490 -32.82 2.38 10.63
N VAL M 491 -31.88 2.61 9.72
CA VAL M 491 -31.42 3.95 9.44
C VAL M 491 -31.24 4.19 7.92
N ASP M 492 -31.34 5.45 7.55
CA ASP M 492 -31.21 5.84 6.15
C ASP M 492 -30.22 6.98 6.19
N VAL M 493 -28.99 6.73 5.74
CA VAL M 493 -27.96 7.74 5.75
C VAL M 493 -27.34 7.92 4.40
N GLU M 494 -26.45 8.87 4.28
CA GLU M 494 -25.74 9.15 3.05
C GLU M 494 -24.27 9.38 3.31
N GLY M 495 -23.44 9.16 2.28
CA GLY M 495 -22.03 9.35 2.39
C GLY M 495 -21.56 10.11 1.16
N LYS M 496 -20.88 11.24 1.39
CA LYS M 496 -20.37 12.05 0.31
C LYS M 496 -18.87 12.22 0.50
N PHE M 497 -18.13 12.18 -0.59
CA PHE M 497 -16.72 12.38 -0.50
C PHE M 497 -16.38 13.25 -1.67
N ILE M 498 -16.37 14.57 -1.42
CA ILE M 498 -16.08 15.55 -2.44
C ILE M 498 -14.88 16.35 -1.96
N ARG M 499 -13.72 16.12 -2.60
CA ARG M 499 -12.51 16.80 -2.22
C ARG M 499 -11.54 16.88 -3.38
N GLN M 500 -10.71 17.92 -3.34
CA GLN M 500 -9.67 18.16 -4.33
C GLN M 500 -8.40 17.48 -3.84
N THR M 501 -8.49 16.18 -3.56
CA THR M 501 -7.37 15.41 -3.08
C THR M 501 -6.25 15.27 -4.12
N GLY M 502 -5.04 15.63 -3.70
CA GLY M 502 -3.88 15.56 -4.59
C GLY M 502 -4.11 16.16 -5.98
N GLY M 503 -4.44 17.44 -6.02
CA GLY M 503 -4.65 18.11 -7.29
C GLY M 503 -5.97 17.82 -7.99
N ARG M 504 -6.21 16.56 -8.36
CA ARG M 504 -7.46 16.20 -9.03
C ARG M 504 -8.62 16.18 -8.06
N GLY M 505 -9.84 16.27 -8.59
CA GLY M 505 -11.01 16.27 -7.75
C GLY M 505 -11.62 14.89 -7.63
N GLN M 506 -12.15 14.57 -6.46
CA GLN M 506 -12.77 13.27 -6.24
C GLN M 506 -14.21 13.50 -5.81
N TYR M 507 -15.12 12.70 -6.34
CA TYR M 507 -16.55 12.85 -6.00
C TYR M 507 -17.28 11.50 -5.87
N GLY M 508 -17.64 11.14 -4.65
CA GLY M 508 -18.37 9.89 -4.41
C GLY M 508 -19.60 10.20 -3.56
N HIS M 509 -20.77 9.81 -4.04
CA HIS M 509 -22.03 10.06 -3.32
C HIS M 509 -22.95 8.84 -3.27
N VAL M 510 -23.21 8.33 -2.07
CA VAL M 510 -24.10 7.18 -1.89
C VAL M 510 -25.18 7.43 -0.85
N LYS M 511 -26.32 6.77 -1.01
CA LYS M 511 -27.44 6.88 -0.06
C LYS M 511 -27.89 5.46 0.21
N ILE M 512 -27.47 4.93 1.37
CA ILE M 512 -27.83 3.55 1.76
C ILE M 512 -28.88 3.49 2.86
N LYS M 513 -29.58 2.35 2.89
CA LYS M 513 -30.58 2.10 3.92
C LYS M 513 -30.03 0.85 4.61
N VAL M 514 -29.74 0.97 5.89
CA VAL M 514 -29.18 -0.15 6.63
C VAL M 514 -30.10 -0.58 7.76
N GLU M 515 -30.38 -1.88 7.81
CA GLU M 515 -31.23 -2.38 8.89
C GLU M 515 -30.64 -3.61 9.58
N PRO M 516 -31.00 -3.79 10.87
CA PRO M 516 -30.50 -4.93 11.66
C PRO M 516 -30.97 -6.29 11.08
N LEU M 517 -30.05 -7.23 11.00
CA LEU M 517 -30.33 -8.56 10.50
C LEU M 517 -30.50 -9.46 11.71
N PRO M 518 -31.28 -10.54 11.59
CA PRO M 518 -31.46 -11.43 12.76
C PRO M 518 -30.11 -11.95 13.27
N ARG M 519 -29.92 -11.89 14.57
CA ARG M 519 -28.66 -12.33 15.17
C ARG M 519 -28.05 -13.57 14.52
N GLY M 520 -26.90 -13.40 13.88
CA GLY M 520 -26.21 -14.50 13.25
C GLY M 520 -26.36 -14.57 11.76
N SER M 521 -27.20 -13.74 11.16
CA SER M 521 -27.39 -13.73 9.72
C SER M 521 -26.15 -13.25 8.97
N GLY M 522 -25.30 -12.48 9.65
CA GLY M 522 -24.09 -11.99 9.03
C GLY M 522 -24.27 -10.70 8.27
N PHE M 523 -23.85 -10.71 7.02
CA PHE M 523 -23.93 -9.53 6.17
C PHE M 523 -24.66 -9.78 4.85
N GLU M 524 -25.34 -8.75 4.38
CA GLU M 524 -26.07 -8.81 3.13
C GLU M 524 -26.02 -7.44 2.50
N PHE M 525 -25.62 -7.42 1.24
CA PHE M 525 -25.58 -6.16 0.52
C PHE M 525 -26.57 -6.28 -0.62
N VAL M 526 -27.46 -5.32 -0.69
CA VAL M 526 -28.50 -5.28 -1.72
C VAL M 526 -28.30 -4.00 -2.50
N ASN M 527 -28.11 -4.11 -3.80
CA ASN M 527 -27.96 -2.92 -4.64
C ASN M 527 -29.27 -2.56 -5.33
N ALA M 528 -29.97 -1.56 -4.80
CA ALA M 528 -31.24 -1.13 -5.39
C ALA M 528 -31.06 0.03 -6.34
N ILE M 529 -29.83 0.36 -6.69
CA ILE M 529 -29.53 1.48 -7.59
C ILE M 529 -30.39 1.41 -8.82
N VAL M 530 -30.82 2.55 -9.35
CA VAL M 530 -31.68 2.42 -10.51
C VAL M 530 -31.46 3.03 -11.88
N GLY M 531 -30.99 4.26 -11.99
CA GLY M 531 -30.86 4.81 -13.31
C GLY M 531 -29.47 5.13 -13.77
N GLY M 532 -28.51 4.30 -13.39
CA GLY M 532 -27.17 4.67 -13.72
C GLY M 532 -26.95 5.84 -12.75
N VAL M 533 -27.76 5.88 -11.70
CA VAL M 533 -27.65 6.95 -10.70
C VAL M 533 -26.21 6.93 -10.16
N ILE M 534 -25.67 5.73 -9.99
CA ILE M 534 -24.30 5.55 -9.55
C ILE M 534 -23.75 4.60 -10.62
N PRO M 535 -22.87 5.10 -11.51
CA PRO M 535 -22.28 4.25 -12.55
C PRO M 535 -21.83 2.89 -12.03
N LYS M 536 -22.34 1.82 -12.63
CA LYS M 536 -22.03 0.45 -12.26
C LYS M 536 -20.53 0.23 -12.00
N GLU M 537 -19.71 1.00 -12.72
CA GLU M 537 -18.26 0.91 -12.58
C GLU M 537 -17.82 0.97 -11.09
N TYR M 538 -18.64 1.59 -10.23
CA TYR M 538 -18.29 1.75 -8.83
C TYR M 538 -19.04 0.92 -7.78
N ILE M 539 -20.16 0.31 -8.12
CA ILE M 539 -20.93 -0.47 -7.16
C ILE M 539 -20.05 -1.36 -6.28
N PRO M 540 -19.17 -2.17 -6.88
CA PRO M 540 -18.30 -3.02 -6.05
C PRO M 540 -17.39 -2.19 -5.16
N ALA M 541 -16.92 -1.06 -5.69
CA ALA M 541 -16.04 -0.16 -4.96
C ALA M 541 -16.69 0.46 -3.72
N VAL M 542 -18.00 0.67 -3.75
CA VAL M 542 -18.72 1.22 -2.61
C VAL M 542 -18.92 0.12 -1.58
N GLN M 543 -18.89 -1.12 -2.05
CA GLN M 543 -19.04 -2.29 -1.18
C GLN M 543 -17.74 -2.49 -0.44
N LYS M 544 -16.63 -2.29 -1.13
CA LYS M 544 -15.31 -2.44 -0.57
C LYS M 544 -15.18 -1.42 0.58
N GLY M 545 -15.76 -0.26 0.37
CA GLY M 545 -15.72 0.78 1.39
C GLY M 545 -16.50 0.36 2.62
N ILE M 546 -17.64 -0.27 2.41
CA ILE M 546 -18.46 -0.71 3.50
C ILE M 546 -17.83 -1.86 4.29
N GLU M 547 -17.30 -2.85 3.56
CA GLU M 547 -16.63 -3.99 4.17
C GLU M 547 -15.56 -3.50 5.14
N GLU M 548 -14.83 -2.46 4.74
CA GLU M 548 -13.74 -1.91 5.52
C GLU M 548 -14.13 -1.05 6.72
N ALA M 549 -15.24 -0.35 6.60
CA ALA M 549 -15.72 0.49 7.67
C ALA M 549 -16.53 -0.33 8.64
N MET M 550 -16.65 -1.60 8.35
CA MET M 550 -17.38 -2.52 9.22
C MET M 550 -16.38 -3.26 10.10
N GLN M 551 -15.12 -3.15 9.73
CA GLN M 551 -14.03 -3.77 10.47
C GLN M 551 -13.85 -3.02 11.77
N SER M 552 -14.65 -1.98 11.98
CA SER M 552 -14.55 -1.20 13.19
C SER M 552 -15.80 -0.41 13.58
N GLY M 553 -16.59 -0.97 14.48
CA GLY M 553 -17.79 -0.29 14.91
C GLY M 553 -17.41 0.98 15.65
N PRO M 554 -18.39 1.83 15.97
CA PRO M 554 -18.17 3.09 16.69
C PRO M 554 -17.98 2.94 18.21
N LEU M 555 -18.88 2.20 18.86
CA LEU M 555 -18.80 2.01 20.30
C LEU M 555 -17.42 1.60 20.87
N ILE M 556 -16.76 0.62 20.26
CA ILE M 556 -15.45 0.17 20.74
C ILE M 556 -14.52 -0.27 19.63
N GLY M 557 -14.80 0.16 18.39
CA GLY M 557 -13.95 -0.21 17.27
C GLY M 557 -13.84 -1.70 16.98
N PHE M 558 -14.89 -2.46 17.31
CA PHE M 558 -14.91 -3.88 17.03
C PHE M 558 -15.77 -4.08 15.79
N PRO M 559 -15.62 -5.23 15.08
CA PRO M 559 -16.39 -5.54 13.89
C PRO M 559 -17.89 -5.37 13.96
N VAL M 560 -18.47 -4.85 12.88
CA VAL M 560 -19.92 -4.66 12.75
C VAL M 560 -20.47 -5.89 12.03
N VAL M 561 -21.51 -6.48 12.58
CA VAL M 561 -22.07 -7.67 12.01
C VAL M 561 -23.62 -7.66 12.11
N ASP M 562 -24.24 -8.65 11.46
CA ASP M 562 -25.69 -8.78 11.49
C ASP M 562 -26.41 -7.52 10.99
N ILE M 563 -26.07 -7.08 9.78
CA ILE M 563 -26.73 -5.91 9.19
C ILE M 563 -27.00 -6.08 7.71
N LYS M 564 -28.07 -5.48 7.23
CA LYS M 564 -28.43 -5.55 5.81
C LYS M 564 -28.16 -4.15 5.25
N VAL M 565 -27.40 -4.06 4.16
CA VAL M 565 -27.09 -2.76 3.57
C VAL M 565 -27.65 -2.60 2.16
N THR M 566 -28.54 -1.61 2.00
CA THR M 566 -29.16 -1.38 0.69
C THR M 566 -28.87 0.00 0.09
N LEU M 567 -28.06 0.01 -0.97
CA LEU M 567 -27.68 1.22 -1.70
C LEU M 567 -28.81 1.52 -2.69
N TYR M 568 -29.55 2.60 -2.47
CA TYR M 568 -30.68 2.90 -3.34
C TYR M 568 -30.61 4.22 -4.14
N ASP M 569 -29.70 5.10 -3.77
CA ASP M 569 -29.58 6.38 -4.47
C ASP M 569 -28.15 6.91 -4.36
N GLY M 570 -27.92 8.11 -4.87
CA GLY M 570 -26.61 8.72 -4.83
C GLY M 570 -26.37 9.56 -6.07
N SER M 571 -25.12 9.83 -6.42
CA SER M 571 -24.81 10.63 -7.59
C SER M 571 -23.35 10.56 -7.99
N TYR M 572 -23.05 11.05 -9.18
CA TYR M 572 -21.67 11.04 -9.65
C TYR M 572 -21.34 12.31 -10.39
N HIS M 573 -20.05 12.53 -10.57
CA HIS M 573 -19.54 13.71 -11.28
C HIS M 573 -18.96 13.18 -12.58
N GLU M 574 -19.51 13.61 -13.70
CA GLU M 574 -19.03 13.15 -15.01
C GLU M 574 -17.55 12.87 -15.07
N VAL M 575 -16.71 13.80 -14.60
CA VAL M 575 -15.28 13.58 -14.65
C VAL M 575 -14.59 13.33 -13.31
N ASP M 576 -15.09 13.95 -12.25
CA ASP M 576 -14.46 13.81 -10.93
C ASP M 576 -14.66 12.49 -10.15
N SER M 577 -15.72 11.71 -10.44
CA SER M 577 -15.93 10.45 -9.72
C SER M 577 -14.80 9.43 -9.90
N SER M 578 -14.78 8.42 -9.06
CA SER M 578 -13.75 7.38 -9.11
C SER M 578 -14.08 6.27 -8.13
N GLU M 579 -13.46 5.11 -8.32
CA GLU M 579 -13.70 3.97 -7.43
C GLU M 579 -13.31 4.37 -6.01
N MET M 580 -12.31 5.22 -5.90
CA MET M 580 -11.85 5.67 -4.59
C MET M 580 -12.87 6.55 -3.85
N ALA M 581 -13.44 7.54 -4.55
CA ALA M 581 -14.39 8.42 -3.93
C ALA M 581 -15.63 7.67 -3.41
N PHE M 582 -16.13 6.74 -4.22
CA PHE M 582 -17.29 5.94 -3.81
C PHE M 582 -16.88 4.97 -2.72
N LYS M 583 -15.65 4.44 -2.80
CA LYS M 583 -15.17 3.52 -1.78
C LYS M 583 -15.26 4.23 -0.45
N ILE M 584 -14.61 5.40 -0.38
CA ILE M 584 -14.61 6.19 0.85
C ILE M 584 -16.03 6.64 1.17
N ALA M 585 -16.83 6.93 0.16
CA ALA M 585 -18.21 7.35 0.33
C ALA M 585 -19.00 6.20 1.00
N GLY M 586 -18.65 4.98 0.65
CA GLY M 586 -19.32 3.83 1.26
C GLY M 586 -18.89 3.70 2.70
N SER M 587 -17.61 3.95 2.95
CA SER M 587 -17.04 3.90 4.29
C SER M 587 -17.73 4.90 5.19
N MET M 588 -17.87 6.13 4.70
CA MET M 588 -18.50 7.20 5.45
C MET M 588 -19.97 6.89 5.72
N ALA M 589 -20.70 6.45 4.70
CA ALA M 589 -22.09 6.10 4.84
C ALA M 589 -22.34 5.09 5.96
N ILE M 590 -21.50 4.05 6.03
CA ILE M 590 -21.65 3.03 7.05
C ILE M 590 -21.26 3.47 8.46
N LYS M 591 -20.23 4.31 8.56
CA LYS M 591 -19.81 4.81 9.88
C LYS M 591 -21.06 5.57 10.37
N GLU M 592 -21.62 6.36 9.46
CA GLU M 592 -22.78 7.15 9.76
C GLU M 592 -23.98 6.30 10.11
N ALA M 593 -24.25 5.26 9.33
CA ALA M 593 -25.37 4.38 9.57
C ALA M 593 -25.31 3.66 10.91
N VAL M 594 -24.15 3.09 11.26
CA VAL M 594 -24.01 2.37 12.53
C VAL M 594 -24.04 3.28 13.74
N GLN M 595 -23.48 4.47 13.60
CA GLN M 595 -23.44 5.41 14.71
C GLN M 595 -24.86 5.94 14.99
N LYS M 596 -25.68 6.04 13.95
CA LYS M 596 -27.04 6.51 14.03
C LYS M 596 -28.12 5.46 14.41
N GLY M 597 -27.84 4.18 14.19
CA GLY M 597 -28.85 3.15 14.49
C GLY M 597 -28.99 2.60 15.89
N ASP M 598 -28.70 3.38 16.90
CA ASP M 598 -28.78 2.91 18.26
C ASP M 598 -27.97 1.64 18.34
N PRO M 599 -25.79 1.38 16.35
CA PRO M 599 -24.78 0.33 16.33
C PRO M 599 -24.59 -0.23 17.72
N VAL M 600 -24.12 -1.46 17.77
CA VAL M 600 -23.87 -2.15 19.03
C VAL M 600 -22.60 -2.97 18.88
N ILE M 601 -21.41 -3.38 19.41
CA ILE M 601 -20.30 -4.29 19.55
C ILE M 601 -20.83 -5.74 19.56
N LEU M 602 -20.12 -6.64 18.89
CA LEU M 602 -20.51 -8.03 18.85
C LEU M 602 -19.42 -8.87 19.52
N GLU M 603 -19.85 -9.70 20.47
CA GLU M 603 -18.92 -10.58 21.21
C GLU M 603 -19.20 -12.05 20.95
N PRO M 604 -18.16 -12.91 21.04
CA PRO M 604 -18.35 -14.35 20.82
C PRO M 604 -19.08 -15.02 21.99
N ILE M 605 -19.98 -15.92 21.65
CA ILE M 605 -20.75 -16.66 22.65
C ILE M 605 -20.31 -18.10 22.63
N MET M 606 -19.74 -18.57 23.71
CA MET M 606 -19.28 -19.93 23.80
C MET M 606 -20.36 -20.91 24.24
N ARG M 607 -20.26 -22.13 23.73
CA ARG M 607 -21.16 -23.21 24.08
C ARG M 607 -20.33 -23.96 25.13
N VAL M 608 -20.82 -23.99 26.37
CA VAL M 608 -20.08 -24.64 27.45
C VAL M 608 -20.74 -25.85 28.10
N GLU M 609 -20.01 -26.96 28.12
CA GLU M 609 -20.48 -28.21 28.75
C GLU M 609 -19.66 -28.39 30.02
N VAL M 610 -20.30 -28.16 31.17
CA VAL M 610 -19.61 -28.32 32.45
C VAL M 610 -19.97 -29.62 33.16
N THR M 611 -19.07 -30.60 33.12
CA THR M 611 -19.28 -31.88 33.79
C THR M 611 -18.84 -31.72 35.25
N THR M 612 -19.76 -31.96 36.18
CA THR M 612 -19.45 -31.80 37.61
C THR M 612 -20.11 -32.87 38.48
N PRO M 613 -19.58 -33.09 39.68
CA PRO M 613 -20.15 -34.08 40.59
C PRO M 613 -21.53 -33.60 40.99
N GLU M 614 -22.46 -34.55 41.22
CA GLU M 614 -23.82 -34.24 41.61
C GLU M 614 -23.90 -33.13 42.68
N GLU M 615 -23.27 -33.35 43.82
CA GLU M 615 -23.27 -32.38 44.93
C GLU M 615 -23.19 -30.91 44.50
N TYR M 616 -22.09 -30.53 43.81
CA TYR M 616 -21.94 -29.14 43.37
C TYR M 616 -22.79 -29.01 42.10
N MET M 617 -24.06 -28.78 42.28
CA MET M 617 -24.99 -28.66 41.13
C MET M 617 -25.40 -27.21 40.90
N GLY M 618 -26.33 -26.73 41.71
CA GLY M 618 -26.78 -25.36 41.57
C GLY M 618 -25.70 -24.41 42.00
N ASP M 619 -24.62 -24.99 42.50
CA ASP M 619 -23.47 -24.21 42.98
C ASP M 619 -22.76 -23.64 41.73
N VAL M 620 -22.56 -24.50 40.74
CA VAL M 620 -21.90 -24.15 39.49
C VAL M 620 -22.87 -23.42 38.56
N ILE M 621 -24.16 -23.69 38.74
CA ILE M 621 -25.22 -23.06 37.96
C ILE M 621 -25.37 -21.55 38.24
N GLY M 622 -25.02 -21.13 39.44
CA GLY M 622 -25.14 -19.73 39.79
C GLY M 622 -23.98 -18.90 39.25
N ASP M 623 -22.83 -19.54 39.19
CA ASP M 623 -21.60 -18.91 38.70
C ASP M 623 -21.77 -18.57 37.22
N LEU M 624 -22.25 -19.55 36.44
CA LEU M 624 -22.47 -19.34 35.01
C LEU M 624 -23.46 -18.20 34.74
N ASN M 625 -24.44 -18.05 35.63
CA ASN M 625 -25.43 -17.01 35.49
C ASN M 625 -24.80 -15.68 35.80
N ALA M 626 -23.75 -15.70 36.64
CA ALA M 626 -23.05 -14.49 37.02
C ALA M 626 -22.23 -14.06 35.81
N ARG M 627 -21.76 -15.06 35.04
CA ARG M 627 -20.96 -14.84 33.85
C ARG M 627 -21.87 -14.43 32.67
N ARG M 628 -23.08 -13.95 33.00
CA ARG M 628 -24.05 -13.57 31.97
C ARG M 628 -24.43 -14.78 31.10
N GLY M 629 -24.49 -15.95 31.72
CA GLY M 629 -24.79 -17.17 30.98
C GLY M 629 -26.27 -17.54 30.89
N GLN M 630 -26.52 -18.61 30.14
CA GLN M 630 -27.87 -19.10 29.96
C GLN M 630 -27.81 -20.63 29.85
N ILE M 631 -28.30 -21.31 30.88
CA ILE M 631 -28.31 -22.76 30.92
C ILE M 631 -29.30 -23.32 29.89
N LEU M 632 -28.91 -24.37 29.19
CA LEU M 632 -29.77 -24.97 28.18
C LEU M 632 -30.25 -26.37 28.62
N GLY M 633 -29.87 -26.78 29.83
CA GLY M 633 -30.29 -28.08 30.33
C GLY M 633 -29.17 -28.91 30.94
N MET M 634 -29.56 -29.95 31.67
CA MET M 634 -28.58 -30.85 32.30
C MET M 634 -28.94 -32.32 32.14
N GLU M 635 -28.08 -33.02 31.41
CA GLU M 635 -28.23 -34.44 31.12
C GLU M 635 -27.01 -35.16 31.72
N PRO M 636 -27.24 -36.01 32.74
CA PRO M 636 -26.19 -36.79 33.42
C PRO M 636 -25.29 -37.66 32.58
N ARG M 637 -24.04 -37.83 33.04
CA ARG M 637 -23.00 -38.65 32.41
C ARG M 637 -22.34 -39.43 33.52
N GLY M 638 -22.41 -40.76 33.46
CA GLY M 638 -21.84 -41.57 34.51
C GLY M 638 -22.53 -41.19 35.79
N ASN M 639 -21.76 -41.11 36.89
CA ASN M 639 -22.34 -40.73 38.18
C ASN M 639 -22.21 -39.23 38.39
N ALA M 640 -21.95 -38.50 37.31
CA ALA M 640 -21.82 -37.04 37.38
C ALA M 640 -22.85 -36.30 36.51
N GLN M 641 -22.97 -34.99 36.76
CA GLN M 641 -23.91 -34.16 36.02
C GLN M 641 -23.26 -33.22 35.00
N VAL M 642 -23.66 -33.34 33.73
CA VAL M 642 -23.12 -32.48 32.67
C VAL M 642 -24.08 -31.32 32.34
N ILE M 643 -23.70 -30.10 32.70
CA ILE M 643 -24.54 -28.92 32.46
C ILE M 643 -24.18 -28.23 31.14
N ARG M 644 -25.18 -28.01 30.30
CA ARG M 644 -25.00 -27.34 29.01
C ARG M 644 -25.45 -25.89 29.09
N ALA M 645 -24.66 -24.99 28.49
CA ALA M 645 -25.00 -23.57 28.57
C ALA M 645 -24.36 -22.63 27.56
N PHE M 646 -24.89 -21.41 27.48
CA PHE M 646 -24.36 -20.37 26.62
C PHE M 646 -23.72 -19.36 27.56
N VAL M 647 -22.46 -19.05 27.31
CA VAL M 647 -21.77 -18.07 28.14
C VAL M 647 -20.85 -17.25 27.23
N PRO M 648 -20.84 -15.92 27.43
CA PRO M 648 -19.99 -15.06 26.61
C PRO M 648 -18.52 -15.28 26.96
N LEU M 649 -17.71 -15.55 25.94
CA LEU M 649 -16.29 -15.81 26.12
C LEU M 649 -15.62 -14.81 27.08
N ALA M 650 -15.96 -13.54 26.93
CA ALA M 650 -15.37 -12.48 27.76
C ALA M 650 -15.54 -12.76 29.25
N GLU M 651 -16.41 -13.70 29.56
CA GLU M 651 -16.70 -14.07 30.96
C GLU M 651 -16.04 -15.40 31.37
N MET M 652 -15.20 -15.97 30.50
CA MET M 652 -14.58 -17.25 30.83
C MET M 652 -13.10 -17.17 31.19
N PHE M 653 -12.60 -15.95 31.39
CA PHE M 653 -11.20 -15.79 31.73
C PHE M 653 -10.96 -16.29 33.13
N GLY M 654 -10.09 -17.31 33.22
CA GLY M 654 -9.76 -17.87 34.50
C GLY M 654 -10.94 -18.69 35.03
N TYR M 655 -11.70 -19.29 34.11
CA TYR M 655 -12.83 -20.12 34.51
C TYR M 655 -12.34 -21.44 35.06
N ALA M 656 -11.37 -22.03 34.36
CA ALA M 656 -10.81 -23.30 34.76
C ALA M 656 -10.51 -23.29 36.26
N THR M 657 -9.97 -22.16 36.73
CA THR M 657 -9.61 -21.99 38.13
C THR M 657 -10.85 -21.85 39.02
N ASP M 658 -11.73 -20.92 38.69
CA ASP M 658 -12.96 -20.72 39.46
C ASP M 658 -13.80 -22.01 39.54
N LEU M 659 -13.77 -22.79 38.47
CA LEU M 659 -14.51 -24.05 38.44
C LEU M 659 -13.99 -24.91 39.56
N ARG M 660 -12.74 -25.34 39.43
CA ARG M 660 -12.11 -26.20 40.45
C ARG M 660 -12.25 -25.55 41.83
N SER M 661 -12.47 -24.24 41.85
CA SER M 661 -12.64 -23.50 43.09
C SER M 661 -14.02 -23.81 43.68
N LYS M 662 -14.95 -24.26 42.85
CA LYS M 662 -16.29 -24.57 43.31
C LYS M 662 -16.74 -26.05 43.22
N THR M 663 -16.01 -26.84 42.44
CA THR M 663 -16.32 -28.26 42.33
C THR M 663 -15.24 -28.99 43.11
N GLN M 664 -14.64 -28.27 44.06
CA GLN M 664 -13.56 -28.78 44.89
C GLN M 664 -12.61 -29.59 44.03
N GLY M 665 -12.13 -28.98 42.94
CA GLY M 665 -11.19 -29.61 42.03
C GLY M 665 -11.62 -30.83 41.23
N ARG M 666 -12.88 -31.25 41.39
CA ARG M 666 -13.35 -32.43 40.68
C ARG M 666 -14.02 -32.12 39.33
N GLY M 667 -14.56 -30.90 39.22
CA GLY M 667 -15.24 -30.50 38.01
C GLY M 667 -14.30 -30.23 36.84
N SER M 668 -14.89 -30.10 35.66
CA SER M 668 -14.15 -29.83 34.42
C SER M 668 -15.17 -29.31 33.39
N PHE M 669 -14.71 -29.01 32.19
CA PHE M 669 -15.61 -28.53 31.16
C PHE M 669 -14.94 -28.36 29.82
N VAL M 670 -15.75 -28.36 28.76
CA VAL M 670 -15.27 -28.16 27.41
C VAL M 670 -15.98 -26.88 26.96
N MET M 671 -15.54 -26.28 25.85
CA MET M 671 -16.15 -25.03 25.41
C MET M 671 -15.91 -24.79 23.92
N PHE M 672 -16.97 -24.42 23.20
CA PHE M 672 -16.84 -24.18 21.75
C PHE M 672 -17.57 -22.91 21.35
N PHE M 673 -17.10 -22.31 20.26
CA PHE M 673 -17.76 -21.12 19.74
C PHE M 673 -19.12 -21.54 19.19
N ASP M 674 -20.16 -20.74 19.46
CA ASP M 674 -21.48 -21.04 18.96
C ASP M 674 -21.93 -19.98 17.98
N HIS M 675 -22.00 -18.74 18.46
CA HIS M 675 -22.43 -17.62 17.63
C HIS M 675 -21.89 -16.30 18.16
N TYR M 676 -21.97 -15.24 17.34
CA TYR M 676 -21.53 -13.93 17.79
C TYR M 676 -22.81 -13.29 18.31
N GLN M 677 -22.69 -12.43 19.32
CA GLN M 677 -23.87 -11.79 19.89
C GLN M 677 -23.62 -10.32 20.19
N GLU M 678 -24.67 -9.53 20.22
CA GLU M 678 -24.53 -8.12 20.51
C GLU M 678 -24.35 -7.99 22.00
N VAL M 679 -23.32 -7.27 22.41
CA VAL M 679 -23.06 -7.07 23.83
C VAL M 679 -24.15 -6.20 24.44
N PRO M 680 -24.58 -6.48 25.67
CA PRO M 680 -25.62 -5.75 26.39
C PRO M 680 -25.33 -4.26 26.43
N LYS M 681 -26.39 -3.46 26.48
CA LYS M 681 -26.23 -2.00 26.53
C LYS M 681 -25.08 -1.62 27.47
N GLN M 682 -25.16 -2.13 28.70
CA GLN M 682 -24.18 -1.87 29.74
C GLN M 682 -22.76 -2.27 29.35
N VAL M 683 -22.62 -3.52 28.89
CA VAL M 683 -21.32 -4.03 28.46
C VAL M 683 -20.66 -3.11 27.42
N GLN M 684 -21.46 -2.63 26.48
CA GLN M 684 -20.96 -1.76 25.42
C GLN M 684 -20.31 -0.51 25.94
N GLU M 685 -21.05 0.27 26.72
CA GLU M 685 -20.56 1.53 27.30
C GLU M 685 -19.20 1.38 27.99
N LYS M 686 -18.90 0.17 28.45
CA LYS M 686 -17.63 -0.10 29.12
C LYS M 686 -16.50 -0.36 28.14
N LEU M 687 -16.70 -1.34 27.26
CA LEU M 687 -15.72 -1.74 26.26
C LEU M 687 -15.22 -0.53 25.45
N ILE M 688 -16.11 0.39 25.20
CA ILE M 688 -15.80 1.60 24.43
C ILE M 688 -14.67 2.42 25.06
N VAL N 7 63.25 19.71 -82.49
CA VAL N 7 61.90 20.24 -82.85
C VAL N 7 61.06 20.58 -81.61
N LYS N 8 61.06 19.69 -80.62
CA LYS N 8 60.30 19.90 -79.38
C LYS N 8 60.69 21.19 -78.67
N GLU N 9 61.77 21.15 -77.91
CA GLU N 9 62.28 22.30 -77.15
C GLU N 9 61.79 23.63 -77.74
N LEU N 10 62.47 24.07 -78.77
CA LEU N 10 62.16 25.32 -79.48
C LEU N 10 60.69 25.72 -79.39
N LEU N 11 59.82 24.82 -79.81
CA LEU N 11 58.38 25.08 -79.80
C LEU N 11 58.03 25.62 -78.43
N GLU N 12 58.17 24.77 -77.41
CA GLU N 12 57.88 25.15 -76.03
C GLU N 12 58.60 26.43 -75.68
N ALA N 13 59.92 26.36 -75.67
CA ALA N 13 60.77 27.51 -75.36
C ALA N 13 60.19 28.74 -76.06
N GLY N 14 59.46 28.49 -77.14
CA GLY N 14 58.84 29.56 -77.88
C GLY N 14 58.03 30.46 -76.95
N VAL N 15 56.88 29.95 -76.49
CA VAL N 15 56.01 30.71 -75.60
C VAL N 15 54.98 29.77 -74.98
N HIS N 16 55.43 28.69 -74.33
CA HIS N 16 54.53 27.72 -73.76
C HIS N 16 55.01 27.09 -72.44
N PHE N 17 55.41 27.93 -71.50
CA PHE N 17 55.91 27.49 -70.21
C PHE N 17 55.85 28.65 -69.21
N GLY N 18 55.99 28.35 -67.93
CA GLY N 18 55.90 29.40 -66.93
C GLY N 18 54.48 29.88 -66.90
N HIS N 19 53.84 29.84 -65.75
CA HIS N 19 52.44 30.27 -65.66
C HIS N 19 52.08 30.97 -64.37
N GLU N 20 50.98 30.54 -63.73
CA GLU N 20 50.50 31.13 -62.48
C GLU N 20 51.67 31.58 -61.61
N ARG N 21 51.51 32.67 -60.87
CA ARG N 21 52.56 33.18 -60.01
C ARG N 21 52.08 33.46 -58.58
N LYS N 22 52.92 33.07 -57.61
CA LYS N 22 52.64 33.25 -56.19
C LYS N 22 51.30 32.71 -55.65
N ARG N 23 50.61 31.92 -56.47
CA ARG N 23 49.36 31.30 -56.04
C ARG N 23 49.51 29.88 -56.49
N TRP N 24 50.58 29.25 -56.00
CA TRP N 24 50.93 27.89 -56.38
C TRP N 24 50.53 26.82 -55.38
N ASN N 25 51.28 25.73 -55.43
CA ASN N 25 51.14 24.57 -54.58
C ASN N 25 52.55 24.07 -54.38
N PRO N 26 52.99 23.96 -53.13
CA PRO N 26 54.35 23.48 -52.84
C PRO N 26 54.65 22.09 -53.40
N LYS N 27 53.65 21.24 -53.52
CA LYS N 27 53.89 19.90 -54.03
C LYS N 27 54.57 20.00 -55.39
N PHE N 28 53.97 20.83 -56.26
CA PHE N 28 54.43 21.07 -57.61
C PHE N 28 55.79 21.78 -57.65
N ALA N 29 56.52 21.71 -56.54
CA ALA N 29 57.82 22.35 -56.45
C ALA N 29 58.90 21.59 -57.17
N ARG N 30 58.60 20.35 -57.55
CA ARG N 30 59.56 19.53 -58.27
C ARG N 30 59.62 19.92 -59.75
N TYR N 31 58.54 20.56 -60.21
CA TYR N 31 58.42 21.01 -61.58
C TYR N 31 58.40 22.53 -61.56
N ILE N 32 59.57 23.16 -61.63
CA ILE N 32 59.69 24.62 -61.62
C ILE N 32 61.16 25.04 -61.57
N TYR N 33 61.54 25.96 -62.46
CA TYR N 33 62.92 26.43 -62.54
C TYR N 33 63.18 27.64 -61.63
N ALA N 34 62.36 28.69 -61.74
CA ALA N 34 62.55 29.87 -60.91
C ALA N 34 61.38 30.85 -60.94
N GLU N 35 61.56 31.96 -60.25
CA GLU N 35 60.53 33.00 -60.19
C GLU N 35 61.00 34.29 -60.84
N ARG N 36 60.74 34.43 -62.14
CA ARG N 36 61.17 35.62 -62.86
C ARG N 36 60.14 36.74 -62.79
N ASN N 37 60.59 37.87 -62.24
CA ASN N 37 59.77 39.06 -62.09
C ASN N 37 58.39 38.77 -61.47
N GLY N 38 58.27 37.60 -60.87
CA GLY N 38 57.00 37.23 -60.23
C GLY N 38 56.49 35.85 -60.60
N ILE N 39 56.32 35.62 -61.91
CA ILE N 39 55.81 34.33 -62.38
C ILE N 39 56.76 33.17 -62.14
N HIS N 40 56.19 31.99 -61.99
CA HIS N 40 56.97 30.78 -61.78
C HIS N 40 57.34 30.20 -63.15
N ILE N 41 58.65 30.16 -63.41
CA ILE N 41 59.17 29.63 -64.66
C ILE N 41 59.41 28.13 -64.55
N ILE N 42 58.44 27.35 -64.99
CA ILE N 42 58.52 25.89 -64.94
C ILE N 42 59.73 25.37 -65.69
N ASP N 43 60.37 24.35 -65.13
CA ASP N 43 61.55 23.74 -65.76
C ASP N 43 61.14 22.82 -66.90
N LEU N 44 61.32 23.27 -68.12
CA LEU N 44 60.97 22.52 -69.32
C LEU N 44 61.84 21.27 -69.42
N GLN N 45 63.10 21.41 -69.06
CA GLN N 45 64.03 20.29 -69.10
C GLN N 45 63.32 19.07 -68.55
N LYS N 46 62.79 19.22 -67.34
CA LYS N 46 62.07 18.12 -66.72
C LYS N 46 60.76 17.87 -67.46
N THR N 47 60.07 18.95 -67.82
CA THR N 47 58.81 18.83 -68.55
C THR N 47 58.97 17.71 -69.57
N MET N 48 59.86 17.94 -70.52
CA MET N 48 60.15 16.99 -71.58
C MET N 48 60.10 15.55 -71.05
N GLU N 49 61.01 15.22 -70.12
CA GLU N 49 61.07 13.91 -69.53
C GLU N 49 59.68 13.31 -69.25
N GLU N 50 58.83 14.13 -68.62
CA GLU N 50 57.47 13.71 -68.27
C GLU N 50 56.60 13.52 -69.51
N LEU N 51 56.74 14.46 -70.46
CA LEU N 51 55.99 14.37 -71.69
C LEU N 51 56.14 12.96 -72.21
N GLU N 52 57.41 12.53 -72.24
CA GLU N 52 57.76 11.20 -72.69
C GLU N 52 56.83 10.17 -72.04
N ARG N 53 57.21 9.71 -70.85
CA ARG N 53 56.42 8.71 -70.13
C ARG N 53 54.92 8.84 -70.41
N THR N 54 54.46 10.08 -70.53
CA THR N 54 53.04 10.33 -70.78
C THR N 54 52.62 9.75 -72.13
N PHE N 55 53.20 10.29 -73.20
CA PHE N 55 52.85 9.83 -74.54
C PHE N 55 53.16 8.34 -74.67
N ARG N 56 54.24 7.90 -74.03
CA ARG N 56 54.59 6.49 -74.04
C ARG N 56 53.30 5.77 -73.73
N PHE N 57 52.71 6.12 -72.61
CA PHE N 57 51.45 5.55 -72.15
C PHE N 57 50.39 5.72 -73.23
N ILE N 58 50.19 6.97 -73.65
CA ILE N 58 49.20 7.26 -74.66
C ILE N 58 49.38 6.31 -75.86
N GLU N 59 50.61 6.30 -76.38
CA GLU N 59 50.97 5.46 -77.51
C GLU N 59 50.78 3.99 -77.19
N ASP N 60 51.24 3.57 -76.01
CA ASP N 60 51.11 2.16 -75.61
C ASP N 60 49.65 1.85 -75.37
N LEU N 61 48.77 2.79 -75.67
CA LEU N 61 47.34 2.63 -75.51
C LEU N 61 46.60 2.93 -76.82
N ALA N 62 47.09 3.94 -77.51
CA ALA N 62 46.47 4.34 -78.77
C ALA N 62 46.64 3.21 -79.78
N MET N 63 47.56 2.29 -79.52
CA MET N 63 47.78 1.19 -80.45
C MET N 63 47.06 -0.09 -80.03
N ARG N 64 46.35 -0.06 -78.92
CA ARG N 64 45.63 -1.25 -78.46
C ARG N 64 44.11 -1.08 -78.41
N GLY N 65 43.59 -0.27 -79.31
CA GLY N 65 42.16 -0.04 -79.40
C GLY N 65 41.51 0.50 -78.14
N GLY N 66 42.12 1.54 -77.56
CA GLY N 66 41.60 2.14 -76.35
C GLY N 66 41.09 3.55 -76.52
N THR N 67 39.93 3.85 -75.95
CA THR N 67 39.32 5.17 -76.05
C THR N 67 39.74 6.09 -74.92
N ILE N 68 39.93 7.37 -75.25
CA ILE N 68 40.34 8.34 -74.26
C ILE N 68 39.29 9.43 -74.18
N LEU N 69 39.17 10.03 -73.00
CA LEU N 69 38.21 11.10 -72.78
C LEU N 69 38.91 12.38 -72.37
N PHE N 70 38.80 13.38 -73.24
CA PHE N 70 39.40 14.68 -73.02
C PHE N 70 38.41 15.66 -72.40
N VAL N 71 38.91 16.57 -71.56
CA VAL N 71 38.02 17.54 -70.94
C VAL N 71 38.72 18.85 -70.70
N GLY N 72 37.96 19.94 -70.95
CA GLY N 72 38.45 21.28 -70.78
C GLY N 72 37.25 22.22 -70.73
N THR N 73 36.83 22.59 -69.53
CA THR N 73 35.68 23.46 -69.37
C THR N 73 36.03 24.94 -69.21
N LYS N 74 37.29 25.29 -69.48
CA LYS N 74 37.70 26.68 -69.38
C LYS N 74 37.71 27.33 -70.75
N LYS N 75 37.24 28.58 -70.82
CA LYS N 75 37.15 29.31 -72.10
C LYS N 75 38.48 29.50 -72.81
N GLN N 76 39.53 29.82 -72.07
CA GLN N 76 40.84 30.02 -72.69
C GLN N 76 41.43 28.69 -73.05
N ALA N 77 40.57 27.74 -73.46
CA ALA N 77 40.99 26.41 -73.86
C ALA N 77 39.80 25.53 -74.27
N GLN N 78 38.61 26.11 -74.35
CA GLN N 78 37.44 25.35 -74.75
C GLN N 78 37.60 24.87 -76.19
N ASP N 79 37.20 25.73 -77.11
CA ASP N 79 37.26 25.51 -78.55
C ASP N 79 38.22 24.45 -79.04
N ILE N 80 39.52 24.70 -78.87
CA ILE N 80 40.55 23.77 -79.31
C ILE N 80 40.22 22.35 -78.90
N VAL N 81 39.98 22.12 -77.62
CA VAL N 81 39.65 20.80 -77.13
C VAL N 81 38.50 20.21 -77.93
N ARG N 82 37.59 21.07 -78.37
CA ARG N 82 36.46 20.57 -79.15
C ARG N 82 37.04 19.99 -80.44
N MET N 83 38.01 20.70 -81.01
CA MET N 83 38.68 20.26 -82.25
C MET N 83 39.39 18.94 -82.09
N GLU N 84 40.58 18.97 -81.53
CA GLU N 84 41.43 17.82 -81.29
C GLU N 84 40.69 16.52 -80.95
N ALA N 85 39.47 16.62 -80.46
CA ALA N 85 38.67 15.46 -80.09
C ALA N 85 37.96 14.85 -81.30
N GLU N 86 37.19 15.67 -82.00
CA GLU N 86 36.47 15.21 -83.17
C GLU N 86 37.49 14.75 -84.20
N ARG N 87 38.64 15.45 -84.21
CA ARG N 87 39.73 15.14 -85.12
C ARG N 87 40.55 13.98 -84.53
N ALA N 88 39.84 13.01 -83.96
CA ALA N 88 40.48 11.83 -83.35
C ALA N 88 39.44 10.83 -82.91
N GLY N 89 38.17 11.23 -82.96
CA GLY N 89 37.08 10.35 -82.57
C GLY N 89 37.06 10.02 -81.09
N MET N 90 37.89 10.74 -80.32
CA MET N 90 37.98 10.55 -78.89
C MET N 90 36.95 11.42 -78.18
N PRO N 91 36.09 10.82 -77.33
CA PRO N 91 35.06 11.57 -76.61
C PRO N 91 35.69 12.77 -75.91
N TYR N 92 34.86 13.67 -75.40
CA TYR N 92 35.38 14.87 -74.73
C TYR N 92 34.30 15.70 -74.06
N VAL N 93 34.72 16.68 -73.29
CA VAL N 93 33.78 17.59 -72.62
C VAL N 93 34.27 19.02 -72.74
N ASN N 94 33.45 19.84 -73.38
CA ASN N 94 33.77 21.26 -73.57
C ASN N 94 32.85 22.16 -72.77
N GLN N 95 31.64 21.69 -72.46
CA GLN N 95 30.70 22.47 -71.67
C GLN N 95 30.78 22.19 -70.16
N ARG N 96 29.64 22.13 -69.49
CA ARG N 96 29.63 21.86 -68.05
C ARG N 96 29.78 20.38 -67.77
N TRP N 97 30.96 19.99 -67.26
CA TRP N 97 31.23 18.60 -66.95
C TRP N 97 30.30 18.06 -65.87
N LEU N 98 29.13 17.56 -66.26
CA LEU N 98 28.17 17.05 -65.30
C LEU N 98 28.79 16.22 -64.16
N GLY N 99 28.13 16.25 -63.01
CA GLY N 99 28.63 15.52 -61.88
C GLY N 99 28.18 14.08 -61.81
N GLY N 100 29.13 13.16 -61.72
CA GLY N 100 28.80 11.76 -61.68
C GLY N 100 28.75 11.19 -63.07
N MET N 101 29.45 11.81 -64.02
CA MET N 101 29.45 11.28 -65.37
C MET N 101 30.03 9.88 -65.26
N LEU N 102 31.36 9.81 -65.23
CA LEU N 102 32.04 8.54 -65.11
C LEU N 102 31.48 7.74 -63.94
N THR N 103 31.30 8.43 -62.81
CA THR N 103 30.80 7.84 -61.57
C THR N 103 29.34 7.43 -61.58
N ASN N 104 28.56 8.00 -62.47
CA ASN N 104 27.15 7.66 -62.53
C ASN N 104 26.77 7.58 -63.99
N PHE N 105 27.71 7.00 -64.74
CA PHE N 105 27.61 6.82 -66.18
C PHE N 105 26.24 6.26 -66.58
N LYS N 106 25.96 5.05 -66.13
CA LYS N 106 24.69 4.39 -66.45
C LYS N 106 23.52 5.36 -66.43
N THR N 107 23.51 6.21 -65.41
CA THR N 107 22.44 7.18 -65.22
C THR N 107 22.55 8.39 -66.11
N ILE N 108 23.79 8.84 -66.36
CA ILE N 108 23.99 9.99 -67.22
C ILE N 108 23.67 9.54 -68.64
N SER N 109 24.13 8.34 -68.97
CA SER N 109 23.87 7.77 -70.28
C SER N 109 22.40 7.97 -70.60
N GLN N 110 21.54 7.60 -69.65
CA GLN N 110 20.09 7.71 -69.79
C GLN N 110 19.65 8.93 -70.61
N ARG N 111 20.44 10.00 -70.53
CA ARG N 111 20.13 11.21 -71.25
C ARG N 111 20.62 11.07 -72.68
N VAL N 112 21.84 10.56 -72.83
CA VAL N 112 22.41 10.33 -74.14
C VAL N 112 21.34 9.64 -74.96
N HIS N 113 20.74 8.61 -74.38
CA HIS N 113 19.67 7.87 -75.05
C HIS N 113 18.50 8.79 -75.34
N ARG N 114 18.19 9.68 -74.40
CA ARG N 114 17.11 10.61 -74.60
C ARG N 114 17.44 11.55 -75.77
N LEU N 115 18.73 11.71 -76.03
CA LEU N 115 19.14 12.56 -77.12
C LEU N 115 18.61 11.97 -78.42
N GLU N 116 19.09 10.81 -78.78
CA GLU N 116 18.64 10.15 -79.98
C GLU N 116 17.12 9.99 -79.92
N GLU N 117 16.57 9.80 -78.72
CA GLU N 117 15.13 9.65 -78.53
C GLU N 117 14.44 10.78 -79.30
N LEU N 118 15.07 11.94 -79.30
CA LEU N 118 14.53 13.10 -79.99
C LEU N 118 15.17 13.24 -81.37
N GLU N 119 16.48 12.96 -81.43
CA GLU N 119 17.22 13.04 -82.67
C GLU N 119 16.44 12.32 -83.76
N ALA N 120 15.69 11.29 -83.34
CA ALA N 120 14.90 10.49 -84.26
C ALA N 120 13.53 11.12 -84.49
N LEU N 121 12.87 11.54 -83.41
CA LEU N 121 11.56 12.17 -83.52
C LEU N 121 11.73 13.50 -84.27
N PHE N 122 12.97 13.93 -84.44
CA PHE N 122 13.28 15.16 -85.16
C PHE N 122 12.74 15.06 -86.57
N ALA N 123 13.23 14.06 -87.30
CA ALA N 123 12.78 13.82 -88.66
C ALA N 123 11.70 12.74 -88.63
N SER N 124 10.45 13.16 -88.78
CA SER N 124 9.33 12.21 -88.72
C SER N 124 8.00 12.90 -89.08
N PRO N 125 7.00 12.10 -89.46
CA PRO N 125 5.68 12.64 -89.81
C PRO N 125 4.86 12.97 -88.57
N GLU N 126 5.34 12.53 -87.39
CA GLU N 126 4.66 12.78 -86.13
C GLU N 126 4.74 14.26 -85.81
N ILE N 127 5.52 14.98 -86.60
CA ILE N 127 5.72 16.42 -86.44
C ILE N 127 4.48 17.15 -86.94
N GLU N 128 3.70 16.49 -87.78
CA GLU N 128 2.48 17.07 -88.34
C GLU N 128 1.57 17.52 -87.19
N GLU N 129 1.52 16.72 -86.15
CA GLU N 129 0.70 17.03 -84.97
C GLU N 129 1.57 17.63 -83.87
N ARG N 130 1.21 17.35 -82.62
CA ARG N 130 1.96 17.86 -81.47
C ARG N 130 1.77 19.38 -81.39
N PRO N 131 1.26 19.88 -80.23
CA PRO N 131 1.04 21.31 -80.05
C PRO N 131 2.32 22.13 -79.95
N LYS N 132 2.22 23.44 -80.14
CA LYS N 132 3.37 24.34 -80.08
C LYS N 132 4.02 24.29 -78.71
N LYS N 133 3.26 23.87 -77.69
CA LYS N 133 3.76 23.77 -76.34
C LYS N 133 4.98 22.85 -76.32
N GLU N 134 4.82 21.67 -76.91
CA GLU N 134 5.91 20.68 -76.94
C GLU N 134 6.90 21.00 -78.07
N GLN N 135 6.38 21.42 -79.22
CA GLN N 135 7.25 21.77 -80.36
C GLN N 135 8.38 22.67 -79.85
N VAL N 136 8.05 23.47 -78.83
CA VAL N 136 9.02 24.39 -78.23
C VAL N 136 9.72 23.67 -77.10
N ARG N 137 8.96 22.94 -76.31
CA ARG N 137 9.50 22.20 -75.15
C ARG N 137 10.62 21.28 -75.61
N LEU N 138 10.24 20.30 -76.42
CA LEU N 138 11.20 19.31 -76.92
C LEU N 138 12.35 20.00 -77.66
N LYS N 139 12.02 20.70 -78.73
CA LYS N 139 13.04 21.40 -79.53
C LYS N 139 14.03 22.07 -78.59
N HIS N 140 13.53 22.70 -77.53
CA HIS N 140 14.41 23.36 -76.58
C HIS N 140 15.10 22.29 -75.75
N GLU N 141 14.30 21.35 -75.22
CA GLU N 141 14.82 20.26 -74.40
C GLU N 141 15.96 19.54 -75.11
N LEU N 142 16.02 19.70 -76.44
CA LEU N 142 17.08 19.08 -77.21
C LEU N 142 18.24 20.04 -77.36
N GLU N 143 17.95 21.32 -77.60
CA GLU N 143 18.97 22.34 -77.75
C GLU N 143 20.00 22.20 -76.66
N ARG N 144 19.55 22.09 -75.41
CA ARG N 144 20.45 21.95 -74.27
C ARG N 144 20.99 20.53 -74.22
N LEU N 145 20.08 19.57 -74.37
CA LEU N 145 20.44 18.16 -74.34
C LEU N 145 21.66 17.99 -75.24
N GLN N 146 21.49 18.45 -76.48
CA GLN N 146 22.50 18.38 -77.50
C GLN N 146 23.62 19.35 -77.14
N LYS N 147 23.32 20.33 -76.28
CA LYS N 147 24.28 21.34 -75.87
C LYS N 147 25.36 20.84 -74.93
N TYR N 148 25.12 19.71 -74.27
CA TYR N 148 26.10 19.18 -73.31
C TYR N 148 26.78 17.86 -73.67
N LEU N 149 26.11 17.01 -74.44
CA LEU N 149 26.67 15.70 -74.79
C LEU N 149 27.35 15.58 -76.16
N SER N 150 27.44 16.70 -76.87
CA SER N 150 28.06 16.76 -78.20
C SER N 150 29.36 15.97 -78.30
N GLY N 151 29.99 15.71 -77.17
CA GLY N 151 31.22 14.96 -77.18
C GLY N 151 31.23 13.85 -76.16
N PHE N 152 30.09 13.70 -75.50
CA PHE N 152 29.96 12.68 -74.46
C PHE N 152 28.87 11.72 -74.90
N ARG N 153 29.19 10.91 -75.91
CA ARG N 153 28.26 9.93 -76.44
C ARG N 153 29.09 8.79 -76.98
N LEU N 154 29.65 9.04 -78.18
CA LEU N 154 30.49 8.11 -78.90
C LEU N 154 30.43 6.70 -78.35
N LEU N 155 31.34 6.40 -77.42
CA LEU N 155 31.40 5.09 -76.82
C LEU N 155 30.56 4.96 -75.55
N LYS N 156 29.71 3.93 -75.52
CA LYS N 156 28.86 3.65 -74.37
C LYS N 156 29.62 2.71 -73.43
N ARG N 157 30.83 3.13 -73.08
CA ARG N 157 31.70 2.36 -72.20
C ARG N 157 32.70 3.38 -71.60
N LEU N 158 33.00 3.21 -70.32
CA LEU N 158 33.91 4.11 -69.63
C LEU N 158 35.26 4.22 -70.32
N PRO N 159 35.98 5.32 -70.09
CA PRO N 159 37.28 5.49 -70.72
C PRO N 159 38.32 4.59 -70.08
N ASP N 160 39.45 4.40 -70.77
CA ASP N 160 40.53 3.61 -70.25
C ASP N 160 41.47 4.63 -69.63
N ALA N 161 41.13 5.89 -69.85
CA ALA N 161 41.91 7.01 -69.34
C ALA N 161 41.22 8.34 -69.66
N ILE N 162 41.80 9.43 -69.19
CA ILE N 162 41.26 10.77 -69.43
C ILE N 162 42.36 11.83 -69.42
N PHE N 163 42.37 12.65 -70.45
CA PHE N 163 43.34 13.72 -70.61
C PHE N 163 42.65 15.03 -70.27
N VAL N 164 43.40 15.95 -69.64
CA VAL N 164 42.81 17.22 -69.23
C VAL N 164 43.78 18.41 -69.16
N VAL N 165 43.17 19.60 -69.29
CA VAL N 165 43.92 20.84 -69.22
C VAL N 165 44.25 21.09 -67.74
N ASP N 166 43.62 22.11 -67.16
CA ASP N 166 43.85 22.43 -65.74
C ASP N 166 43.08 21.44 -64.87
N PRO N 167 43.80 20.47 -64.28
CA PRO N 167 43.20 19.45 -63.43
C PRO N 167 42.36 20.06 -62.31
N THR N 168 43.03 20.83 -61.46
CA THR N 168 42.36 21.47 -60.32
C THR N 168 41.09 22.18 -60.75
N LYS N 169 41.08 22.69 -61.97
CA LYS N 169 39.89 23.39 -62.45
C LYS N 169 38.78 22.34 -62.57
N GLU N 170 39.14 21.16 -63.03
CA GLU N 170 38.17 20.08 -63.18
C GLU N 170 38.52 18.90 -62.30
N ALA N 171 39.15 19.17 -61.17
CA ALA N 171 39.54 18.11 -60.23
C ALA N 171 38.36 17.20 -59.93
N ILE N 172 37.14 17.75 -59.97
CA ILE N 172 35.97 16.93 -59.70
C ILE N 172 35.90 15.76 -60.68
N ALA N 173 36.12 16.02 -61.95
CA ALA N 173 36.10 14.92 -62.90
C ALA N 173 37.17 13.96 -62.38
N VAL N 174 38.39 14.47 -62.30
CA VAL N 174 39.52 13.71 -61.80
C VAL N 174 39.14 12.79 -60.67
N ARG N 175 38.52 13.38 -59.64
CA ARG N 175 38.12 12.58 -58.51
C ARG N 175 37.34 11.37 -59.06
N GLU N 176 36.17 11.64 -59.64
CA GLU N 176 35.33 10.57 -60.20
C GLU N 176 36.21 9.49 -60.81
N ALA N 177 37.08 9.93 -61.69
CA ALA N 177 38.00 9.06 -62.38
C ALA N 177 38.74 8.17 -61.38
N ARG N 178 39.38 8.82 -60.41
CA ARG N 178 40.17 8.14 -59.40
C ARG N 178 39.42 7.12 -58.54
N LYS N 179 38.16 7.41 -58.20
CA LYS N 179 37.42 6.46 -57.39
C LYS N 179 37.10 5.21 -58.21
N LEU N 180 36.96 5.41 -59.52
CA LEU N 180 36.64 4.33 -60.42
C LEU N 180 37.87 3.66 -61.02
N PHE N 181 39.06 4.08 -60.56
CA PHE N 181 40.30 3.54 -61.07
C PHE N 181 40.32 3.76 -62.57
N ILE N 182 40.87 4.90 -62.97
CA ILE N 182 40.94 5.24 -64.39
C ILE N 182 42.17 6.11 -64.63
N PRO N 183 43.17 5.59 -65.36
CA PRO N 183 44.39 6.33 -65.65
C PRO N 183 44.18 7.82 -65.95
N VAL N 184 44.77 8.66 -65.12
CA VAL N 184 44.60 10.10 -65.27
C VAL N 184 45.87 10.75 -65.85
N ILE N 185 45.68 11.43 -66.97
CA ILE N 185 46.73 12.13 -67.70
C ILE N 185 46.25 13.56 -67.91
N ALA N 186 47.15 14.51 -67.76
CA ALA N 186 46.73 15.90 -67.98
C ALA N 186 47.86 16.94 -68.00
N LEU N 187 47.56 18.07 -68.63
CA LEU N 187 48.48 19.17 -68.76
C LEU N 187 48.21 20.15 -67.62
N ALA N 188 49.00 20.04 -66.56
CA ALA N 188 48.82 20.91 -65.41
C ALA N 188 50.00 21.87 -65.24
N ASP N 189 49.68 23.05 -64.73
CA ASP N 189 50.68 24.08 -64.48
C ASP N 189 51.01 24.11 -62.98
N THR N 190 51.58 25.23 -62.52
CA THR N 190 51.94 25.33 -61.10
C THR N 190 50.76 25.50 -60.15
N ASP N 191 49.59 25.80 -60.66
CA ASP N 191 48.43 25.97 -59.80
C ASP N 191 47.69 24.66 -59.63
N SER N 192 48.43 23.57 -59.43
CA SER N 192 47.84 22.26 -59.27
C SER N 192 48.76 21.28 -58.56
N ASP N 193 48.14 20.24 -57.99
CA ASP N 193 48.86 19.22 -57.27
C ASP N 193 49.06 17.98 -58.12
N PRO N 194 50.31 17.57 -58.34
CA PRO N 194 50.65 16.40 -59.14
C PRO N 194 50.05 15.16 -58.50
N ASP N 195 50.75 14.65 -57.50
CA ASP N 195 50.33 13.46 -56.75
C ASP N 195 49.13 12.76 -57.35
N LEU N 196 47.94 13.36 -57.19
CA LEU N 196 46.73 12.73 -57.73
C LEU N 196 46.57 12.80 -59.24
N VAL N 197 47.70 12.89 -59.94
CA VAL N 197 47.70 12.91 -61.38
C VAL N 197 48.71 11.85 -61.80
N ASP N 198 48.26 10.93 -62.64
CA ASP N 198 49.12 9.85 -63.08
C ASP N 198 50.16 10.25 -64.12
N TYR N 199 49.72 10.68 -65.30
CA TYR N 199 50.67 11.12 -66.34
C TYR N 199 50.58 12.64 -66.47
N ILE N 200 51.52 13.31 -65.78
CA ILE N 200 51.60 14.76 -65.68
C ILE N 200 52.34 15.53 -66.75
N ILE N 201 51.60 16.38 -67.46
CA ILE N 201 52.16 17.23 -68.50
C ILE N 201 52.26 18.60 -67.88
N PRO N 202 53.40 18.91 -67.27
CA PRO N 202 53.61 20.20 -66.63
C PRO N 202 53.78 21.33 -67.63
N GLY N 203 52.88 22.34 -67.55
CA GLY N 203 52.95 23.47 -68.46
C GLY N 203 51.69 24.32 -68.57
N ASN N 204 51.89 25.64 -68.73
CA ASN N 204 50.81 26.62 -68.85
C ASN N 204 49.44 26.02 -69.18
N ASP N 205 48.42 26.44 -68.42
CA ASP N 205 47.07 25.91 -68.64
C ASP N 205 46.06 26.96 -69.11
N ASP N 206 46.48 28.20 -69.29
CA ASP N 206 45.56 29.24 -69.72
C ASP N 206 45.87 29.80 -71.12
N ALA N 207 47.15 30.11 -71.36
CA ALA N 207 47.56 30.64 -72.66
C ALA N 207 47.33 29.55 -73.70
N ILE N 208 46.27 29.74 -74.51
CA ILE N 208 45.94 28.77 -75.55
C ILE N 208 47.16 28.35 -76.36
N ARG N 209 48.18 29.20 -76.36
CA ARG N 209 49.42 28.92 -77.06
C ARG N 209 49.96 27.53 -76.72
N SER N 210 50.21 27.31 -75.42
CA SER N 210 50.74 26.04 -74.93
C SER N 210 49.70 24.90 -75.02
N ILE N 211 48.45 25.23 -74.69
CA ILE N 211 47.38 24.25 -74.73
C ILE N 211 47.28 23.59 -76.09
N GLN N 212 47.16 24.43 -77.13
CA GLN N 212 47.05 23.92 -78.50
C GLN N 212 48.16 22.92 -78.76
N LEU N 213 49.40 23.40 -78.66
CA LEU N 213 50.57 22.57 -78.89
C LEU N 213 50.52 21.20 -78.20
N ILE N 214 50.60 21.22 -76.87
CA ILE N 214 50.60 19.99 -76.10
C ILE N 214 49.39 19.12 -76.38
N LEU N 215 48.27 19.73 -76.76
CA LEU N 215 47.08 18.97 -77.05
C LEU N 215 47.17 18.44 -78.50
N SER N 216 47.75 19.26 -79.37
CA SER N 216 47.92 18.92 -80.77
C SER N 216 48.74 17.63 -80.92
N ARG N 217 50.05 17.76 -80.76
CA ARG N 217 50.97 16.63 -80.86
C ARG N 217 50.47 15.39 -80.11
N ALA N 218 49.43 15.60 -79.30
CA ALA N 218 48.84 14.52 -78.53
C ALA N 218 47.92 13.70 -79.42
N VAL N 219 46.99 14.40 -80.10
CA VAL N 219 46.04 13.74 -80.99
C VAL N 219 46.77 13.07 -82.13
N ASP N 220 47.74 13.78 -82.74
CA ASP N 220 48.53 13.23 -83.84
C ASP N 220 49.02 11.88 -83.33
N LEU N 221 49.77 11.93 -82.23
CA LEU N 221 50.35 10.74 -81.60
C LEU N 221 49.24 9.70 -81.42
N ILE N 222 48.00 10.15 -81.19
CA ILE N 222 46.91 9.21 -81.02
C ILE N 222 46.63 8.54 -82.34
N ILE N 223 46.85 9.30 -83.41
CA ILE N 223 46.62 8.80 -84.75
C ILE N 223 47.83 8.11 -85.37
N GLN N 224 49.03 8.55 -85.04
CA GLN N 224 50.23 7.92 -85.57
C GLN N 224 50.06 6.41 -85.37
N ALA N 225 49.28 6.05 -84.38
CA ALA N 225 48.98 4.65 -84.06
C ALA N 225 47.57 4.36 -84.57
N ARG N 226 47.42 4.40 -85.88
CA ARG N 226 46.13 4.16 -86.54
C ARG N 226 46.29 4.32 -88.04
N GLY N 227 47.26 5.11 -88.45
CA GLY N 227 47.51 5.34 -89.86
C GLY N 227 46.77 6.51 -90.46
N GLY N 228 47.50 7.47 -91.00
CA GLY N 228 46.90 8.66 -91.59
C GLY N 228 47.53 9.98 -91.19
N VAL N 229 48.85 10.00 -91.09
CA VAL N 229 49.58 11.21 -90.69
C VAL N 229 49.35 12.35 -91.69
N VAL N 230 48.80 13.45 -91.20
CA VAL N 230 48.52 14.62 -92.03
C VAL N 230 49.04 15.90 -91.43
N GLU N 231 48.47 17.03 -91.88
CA GLU N 231 48.85 18.35 -91.40
C GLU N 231 48.06 18.67 -90.13
N PRO N 232 48.52 19.70 -89.38
CA PRO N 232 47.83 20.09 -88.14
C PRO N 232 46.34 20.44 -88.38
N SER N 233 45.65 20.77 -87.30
CA SER N 233 44.22 21.13 -87.41
C SER N 233 44.04 22.65 -87.30
N PRO N 234 42.83 23.17 -87.59
CA PRO N 234 42.62 24.60 -87.52
C PRO N 234 42.95 25.14 -86.12
N SER N 235 44.13 25.74 -85.97
CA SER N 235 44.56 26.29 -84.70
C SER N 235 44.40 27.80 -84.66
N TYR N 236 44.84 28.46 -85.73
CA TYR N 236 44.73 29.92 -85.81
C TYR N 236 43.43 30.32 -86.48
N ALA N 237 42.85 31.41 -85.98
CA ALA N 237 41.59 31.96 -86.50
C ALA N 237 41.46 33.34 -85.87
N LEU N 238 42.13 33.49 -84.73
CA LEU N 238 42.15 34.72 -83.96
C LEU N 238 43.16 34.52 -82.85
N VAL N 239 44.07 33.56 -83.05
CA VAL N 239 45.11 33.23 -82.11
C VAL N 239 46.08 34.40 -81.92
N GLN N 240 45.62 35.43 -81.22
CA GLN N 240 46.43 36.62 -80.97
C GLN N 240 46.81 37.35 -82.25
N GLU N 241 47.48 36.74 -83.12
#